data_5L9I
#
_entry.id   5L9I
#
_cell.length_a   71.390
_cell.length_b   71.390
_cell.length_c   134.060
_cell.angle_alpha   90.00
_cell.angle_beta   90.00
_cell.angle_gamma   90.00
#
_symmetry.space_group_name_H-M   'P 41'
#
loop_
_entity.id
_entity.type
_entity.pdbx_description
1 polymer 'periplasmic binding protein'
2 non-polymer Deoxyfructosylglutamine
3 non-polymer DI(HYDROXYETHYL)ETHER
4 non-polymer 1,2-ETHANEDIOL
5 non-polymer 'CALCIUM ION'
6 water water
#
_entity_poly.entity_id   1
_entity_poly.type   'polypeptide(L)'
_entity_poly.pdbx_seq_one_letter_code
;MGSSHHHHHHSSGLVPRGSHMDVVIASSGGGWQEAQDKALWAPAAKALNITYTQDTFQNWAEARAQVESGSVTWDIIQIG
IADEPQAKAAGVLEKLDPDIVNKADFPPGSVTDSFVANSNYSTLIAWNKKTYGDNGPKSMADFFDVKKFPGKRALWNQPI
GMIEAAALALGTPRDKVYEFLSTEEGRKAAIAKLTELAPSVSVWWESGAQAAQLIKDGEVDMIITWGGRVQGAINDGANF
AYTFNDAQLGTDGYAIVKGAPHRDAAMRFLKEMSKAEYQKDLPNSFATAPANMKAYDLAKYTPEKMATMASAPENVAVQY
SVDPNFWAKHAKWASEAYDNVRLSRHHHHHH
;
_entity_poly.pdbx_strand_id   A,B
#
# COMPACT_ATOMS: atom_id res chain seq x y z
N HIS A 20 -12.27 32.77 28.99
CA HIS A 20 -11.05 32.68 29.80
C HIS A 20 -10.83 31.29 30.45
N MET A 21 -11.91 30.46 30.54
CA MET A 21 -11.83 29.10 31.06
C MET A 21 -11.78 28.04 29.93
N ASP A 22 -12.20 28.40 28.72
CA ASP A 22 -12.21 27.47 27.58
C ASP A 22 -10.86 27.37 26.89
N VAL A 23 -10.55 26.16 26.38
CA VAL A 23 -9.35 25.86 25.58
C VAL A 23 -9.51 26.65 24.28
N VAL A 24 -8.46 27.37 23.86
CA VAL A 24 -8.52 28.14 22.63
C VAL A 24 -7.75 27.40 21.53
N ILE A 25 -8.45 27.04 20.43
CA ILE A 25 -7.86 26.37 19.25
C ILE A 25 -7.94 27.33 18.04
N ALA A 26 -6.85 27.43 17.27
CA ALA A 26 -6.80 28.31 16.14
C ALA A 26 -6.21 27.67 14.86
N SER A 27 -6.87 27.92 13.72
CA SER A 27 -6.39 27.48 12.42
C SER A 27 -6.44 28.72 11.48
N SER A 28 -6.53 28.52 10.16
CA SER A 28 -6.48 29.62 9.18
C SER A 28 -7.85 30.06 8.58
N GLY A 29 -8.95 29.59 9.19
CA GLY A 29 -10.30 29.97 8.78
C GLY A 29 -10.81 29.29 7.52
N GLY A 30 -11.94 29.81 7.02
CA GLY A 30 -12.60 29.32 5.82
C GLY A 30 -13.04 27.87 5.91
N GLY A 31 -13.11 27.21 4.75
CA GLY A 31 -13.54 25.83 4.61
C GLY A 31 -12.68 24.84 5.39
N TRP A 32 -11.36 25.10 5.47
CA TRP A 32 -10.43 24.24 6.20
C TRP A 32 -10.72 24.23 7.72
N GLN A 33 -10.90 25.42 8.32
CA GLN A 33 -11.25 25.52 9.76
C GLN A 33 -12.60 24.88 10.05
N GLU A 34 -13.58 25.12 9.16
CA GLU A 34 -14.95 24.59 9.28
C GLU A 34 -14.94 23.05 9.25
N ALA A 35 -14.09 22.47 8.39
CA ALA A 35 -13.93 21.01 8.28
C ALA A 35 -13.30 20.45 9.57
N GLN A 36 -12.25 21.11 10.11
CA GLN A 36 -11.60 20.68 11.37
C GLN A 36 -12.61 20.80 12.52
N ASP A 37 -13.36 21.92 12.60
CA ASP A 37 -14.33 22.11 13.68
C ASP A 37 -15.45 21.04 13.66
N LYS A 38 -16.00 20.75 12.47
CA LYS A 38 -17.08 19.76 12.32
C LYS A 38 -16.62 18.32 12.59
N ALA A 39 -15.52 17.89 11.96
CA ALA A 39 -15.00 16.52 12.06
C ALA A 39 -14.20 16.22 13.31
N LEU A 40 -13.45 17.21 13.81
CA LEU A 40 -12.52 16.98 14.92
C LEU A 40 -12.83 17.70 16.22
N TRP A 41 -12.90 19.04 16.19
CA TRP A 41 -13.05 19.84 17.42
C TRP A 41 -14.40 19.63 18.14
N ALA A 42 -15.53 19.85 17.48
CA ALA A 42 -16.85 19.68 18.12
C ALA A 42 -17.09 18.25 18.62
N PRO A 43 -16.85 17.16 17.83
CA PRO A 43 -17.04 15.80 18.39
C PRO A 43 -16.09 15.42 19.52
N ALA A 44 -14.78 15.77 19.42
CA ALA A 44 -13.81 15.45 20.50
C ALA A 44 -14.11 16.20 21.79
N ALA A 45 -14.52 17.48 21.69
CA ALA A 45 -14.88 18.25 22.88
C ALA A 45 -16.12 17.69 23.57
N LYS A 46 -17.10 17.20 22.76
CA LYS A 46 -18.35 16.58 23.23
C LYS A 46 -18.02 15.27 23.98
N ALA A 47 -17.13 14.45 23.41
CA ALA A 47 -16.69 13.19 24.04
C ALA A 47 -15.97 13.43 25.37
N LEU A 48 -15.19 14.54 25.48
CA LEU A 48 -14.47 14.86 26.72
C LEU A 48 -15.31 15.75 27.64
N ASN A 49 -16.52 16.17 27.18
CA ASN A 49 -17.43 17.06 27.92
C ASN A 49 -16.70 18.36 28.32
N ILE A 50 -16.04 18.99 27.34
CA ILE A 50 -15.28 20.23 27.50
C ILE A 50 -15.83 21.33 26.57
N THR A 51 -15.49 22.60 26.88
CA THR A 51 -15.92 23.77 26.10
C THR A 51 -14.66 24.39 25.47
N TYR A 52 -14.77 24.89 24.24
CA TYR A 52 -13.62 25.50 23.55
C TYR A 52 -14.03 26.73 22.76
N THR A 53 -13.06 27.61 22.49
CA THR A 53 -13.22 28.82 21.71
C THR A 53 -12.30 28.71 20.48
N GLN A 54 -12.75 29.23 19.34
CA GLN A 54 -11.93 29.24 18.12
C GLN A 54 -11.32 30.62 17.86
N ASP A 55 -10.19 30.63 17.17
CA ASP A 55 -9.54 31.84 16.68
C ASP A 55 -8.92 31.51 15.32
N THR A 56 -8.41 32.52 14.60
CA THR A 56 -7.80 32.34 13.28
C THR A 56 -6.54 33.20 13.19
N PHE A 57 -5.57 32.72 12.40
CA PHE A 57 -4.29 33.37 12.17
C PHE A 57 -3.71 32.73 10.90
N GLN A 58 -2.84 33.46 10.20
CA GLN A 58 -2.29 33.00 8.94
C GLN A 58 -0.81 32.57 9.00
N ASN A 59 -0.06 33.06 10.01
CA ASN A 59 1.37 32.79 10.17
C ASN A 59 1.71 32.52 11.63
N TRP A 60 2.52 31.46 11.90
CA TRP A 60 2.96 31.06 13.24
C TRP A 60 3.70 32.20 13.98
N ALA A 61 4.17 33.23 13.24
CA ALA A 61 4.81 34.41 13.81
C ALA A 61 3.81 35.16 14.73
N GLU A 62 2.49 34.96 14.52
CA GLU A 62 1.45 35.55 15.37
C GLU A 62 1.43 34.85 16.74
N ALA A 63 1.77 33.55 16.78
CA ALA A 63 1.86 32.78 18.04
C ALA A 63 3.15 33.20 18.79
N ARG A 64 4.22 33.50 18.00
CA ARG A 64 5.51 33.98 18.52
C ARG A 64 5.28 35.33 19.23
N ALA A 65 4.52 36.25 18.58
CA ALA A 65 4.21 37.57 19.12
C ALA A 65 3.55 37.48 20.50
N GLN A 66 2.61 36.52 20.67
CA GLN A 66 1.92 36.24 21.94
C GLN A 66 2.93 35.79 23.01
N VAL A 67 3.86 34.88 22.64
CA VAL A 67 4.92 34.34 23.52
C VAL A 67 5.89 35.47 23.95
N GLU A 68 6.29 36.34 22.99
CA GLU A 68 7.20 37.48 23.21
C GLU A 68 6.58 38.57 24.07
N SER A 69 5.27 38.84 23.90
CA SER A 69 4.52 39.85 24.66
C SER A 69 4.28 39.45 26.13
N GLY A 70 4.42 38.15 26.41
CA GLY A 70 4.22 37.62 27.75
C GLY A 70 2.77 37.35 28.10
N SER A 71 1.87 37.44 27.11
CA SER A 71 0.43 37.20 27.30
C SER A 71 -0.11 36.25 26.21
N VAL A 72 -0.03 34.94 26.51
CA VAL A 72 -0.46 33.84 25.64
C VAL A 72 -1.94 33.52 25.91
N THR A 73 -2.78 33.65 24.86
CA THR A 73 -4.22 33.34 24.95
C THR A 73 -4.57 32.05 24.19
N TRP A 74 -3.76 31.68 23.19
CA TRP A 74 -3.98 30.47 22.40
C TRP A 74 -3.41 29.22 23.07
N ASP A 75 -4.15 28.11 22.98
CA ASP A 75 -3.68 26.83 23.50
C ASP A 75 -3.18 25.95 22.33
N ILE A 76 -4.09 25.57 21.41
CA ILE A 76 -3.74 24.74 20.25
C ILE A 76 -3.64 25.62 19.01
N ILE A 77 -2.55 25.46 18.25
CA ILE A 77 -2.33 26.16 16.98
C ILE A 77 -2.11 25.15 15.86
N GLN A 78 -2.76 25.41 14.72
CA GLN A 78 -2.64 24.59 13.53
C GLN A 78 -1.57 25.23 12.65
N ILE A 79 -0.45 24.52 12.46
CA ILE A 79 0.70 24.98 11.68
C ILE A 79 1.09 23.89 10.65
N GLY A 80 2.04 24.23 9.79
CA GLY A 80 2.57 23.31 8.80
C GLY A 80 3.78 22.56 9.32
N ILE A 81 4.06 21.37 8.75
CA ILE A 81 5.20 20.53 9.15
C ILE A 81 6.56 21.28 9.02
N ALA A 82 6.68 22.22 8.06
CA ALA A 82 7.90 23.01 7.82
C ALA A 82 7.97 24.26 8.70
N ASP A 83 6.84 24.63 9.39
CA ASP A 83 6.83 25.73 10.37
C ASP A 83 7.39 25.23 11.67
N GLU A 84 7.11 23.94 12.01
CA GLU A 84 7.46 23.29 13.28
C GLU A 84 8.94 23.47 13.70
N PRO A 85 9.97 23.14 12.87
CA PRO A 85 11.37 23.33 13.33
C PRO A 85 11.70 24.77 13.71
N GLN A 86 11.16 25.74 12.95
CA GLN A 86 11.35 27.18 13.18
C GLN A 86 10.73 27.62 14.52
N ALA A 87 9.44 27.23 14.75
CA ALA A 87 8.66 27.57 15.94
C ALA A 87 9.26 26.92 17.21
N LYS A 88 9.70 25.66 17.08
CA LYS A 88 10.35 24.89 18.14
C LYS A 88 11.66 25.59 18.57
N ALA A 89 12.46 26.05 17.59
CA ALA A 89 13.74 26.74 17.83
C ALA A 89 13.54 28.11 18.48
N ALA A 90 12.44 28.79 18.13
CA ALA A 90 12.08 30.11 18.67
C ALA A 90 11.39 30.06 20.06
N GLY A 91 11.26 28.86 20.62
CA GLY A 91 10.63 28.60 21.92
C GLY A 91 9.15 28.91 21.99
N VAL A 92 8.46 28.87 20.84
CA VAL A 92 7.04 29.16 20.69
C VAL A 92 6.16 27.93 21.02
N LEU A 93 6.76 26.72 21.03
CA LEU A 93 5.99 25.49 21.24
C LEU A 93 6.28 24.77 22.52
N GLU A 94 5.23 24.14 23.08
CA GLU A 94 5.32 23.29 24.25
C GLU A 94 5.76 21.93 23.74
N LYS A 95 6.39 21.14 24.60
CA LYS A 95 6.78 19.79 24.27
C LYS A 95 5.58 18.92 24.63
N LEU A 96 5.09 18.14 23.66
CA LEU A 96 3.90 17.31 23.87
C LEU A 96 4.20 16.09 24.74
N ASP A 97 3.18 15.64 25.49
CA ASP A 97 3.28 14.47 26.37
C ASP A 97 3.68 13.23 25.56
N PRO A 98 4.44 12.28 26.14
CA PRO A 98 4.79 11.08 25.37
C PRO A 98 3.54 10.23 25.13
N ASP A 99 3.51 9.51 24.00
CA ASP A 99 2.41 8.63 23.58
C ASP A 99 1.07 9.39 23.38
N ILE A 100 1.13 10.69 22.98
CA ILE A 100 -0.05 11.52 22.64
C ILE A 100 -0.81 10.86 21.45
N VAL A 101 -0.05 10.15 20.59
CA VAL A 101 -0.48 9.31 19.46
C VAL A 101 0.52 8.18 19.32
N ASN A 102 0.13 7.11 18.62
CA ASN A 102 1.02 6.01 18.25
C ASN A 102 1.60 6.44 16.89
N LYS A 103 2.93 6.67 16.85
CA LYS A 103 3.66 7.11 15.66
C LYS A 103 3.49 6.18 14.43
N ALA A 104 3.24 4.88 14.65
CA ALA A 104 3.01 3.89 13.58
C ALA A 104 1.70 4.13 12.80
N ASP A 105 0.74 4.87 13.41
CA ASP A 105 -0.56 5.21 12.81
C ASP A 105 -0.47 6.43 11.87
N PHE A 106 0.63 7.17 11.90
CA PHE A 106 0.78 8.38 11.09
C PHE A 106 1.95 8.25 10.10
N PRO A 107 2.00 9.03 8.98
CA PRO A 107 3.16 8.94 8.06
C PRO A 107 4.49 9.22 8.76
N PRO A 108 5.64 8.62 8.32
CA PRO A 108 6.91 8.87 9.02
C PRO A 108 7.36 10.33 8.99
N GLY A 109 7.79 10.82 10.16
CA GLY A 109 8.22 12.21 10.35
C GLY A 109 7.10 13.21 10.58
N SER A 110 5.83 12.80 10.42
CA SER A 110 4.66 13.67 10.57
C SER A 110 4.28 13.94 12.04
N VAL A 111 4.92 13.22 13.00
CA VAL A 111 4.69 13.37 14.43
C VAL A 111 6.05 13.60 15.10
N THR A 112 6.22 14.78 15.72
CA THR A 112 7.47 15.13 16.41
C THR A 112 7.12 15.25 17.89
N ASP A 113 8.09 15.67 18.72
CA ASP A 113 7.83 15.85 20.15
C ASP A 113 7.02 17.14 20.40
N SER A 114 6.83 17.99 19.35
CA SER A 114 6.13 19.27 19.45
C SER A 114 5.01 19.46 18.42
N PHE A 115 4.70 18.42 17.64
CA PHE A 115 3.72 18.51 16.55
C PHE A 115 3.07 17.16 16.28
N VAL A 116 1.74 17.17 16.05
CA VAL A 116 0.97 15.99 15.69
C VAL A 116 0.25 16.33 14.38
N ALA A 117 0.53 15.58 13.30
CA ALA A 117 -0.14 15.79 12.02
C ALA A 117 -1.64 15.48 12.11
N ASN A 118 -2.44 16.20 11.30
CA ASN A 118 -3.87 15.95 11.17
C ASN A 118 -4.21 15.64 9.72
N SER A 119 -3.35 16.07 8.76
CA SER A 119 -3.65 15.87 7.35
C SER A 119 -2.49 16.10 6.39
N ASN A 120 -2.67 15.62 5.17
CA ASN A 120 -1.82 15.91 4.02
C ASN A 120 -2.68 16.74 3.05
N TYR A 121 -2.02 17.69 2.35
CA TYR A 121 -2.63 18.58 1.38
C TYR A 121 -1.60 18.89 0.28
N SER A 122 -2.05 19.51 -0.81
CA SER A 122 -1.20 19.92 -1.91
C SER A 122 -1.22 21.41 -2.15
N THR A 123 -0.03 21.98 -2.42
CA THR A 123 0.14 23.36 -2.86
C THR A 123 0.32 23.15 -4.35
N LEU A 124 -0.73 23.46 -5.12
CA LEU A 124 -0.81 23.12 -6.54
C LEU A 124 -1.24 24.26 -7.49
N ILE A 125 -1.18 23.97 -8.80
CA ILE A 125 -1.57 24.91 -9.88
C ILE A 125 -3.03 24.74 -10.26
N ALA A 126 -3.79 25.81 -10.18
CA ALA A 126 -5.17 25.86 -10.65
C ALA A 126 -5.23 26.95 -11.73
N TRP A 127 -6.08 26.76 -12.74
CA TRP A 127 -6.23 27.76 -13.79
C TRP A 127 -7.69 28.01 -14.17
N ASN A 128 -7.93 29.20 -14.68
CA ASN A 128 -9.22 29.69 -15.11
C ASN A 128 -9.59 29.10 -16.49
N LYS A 129 -10.66 28.27 -16.56
CA LYS A 129 -11.10 27.66 -17.81
C LYS A 129 -11.71 28.67 -18.79
N LYS A 130 -12.23 29.80 -18.29
CA LYS A 130 -12.72 30.84 -19.20
C LYS A 130 -11.52 31.43 -19.99
N THR A 131 -10.35 31.58 -19.33
CA THR A 131 -9.14 32.12 -19.96
C THR A 131 -8.46 31.15 -20.94
N TYR A 132 -8.18 29.92 -20.50
CA TYR A 132 -7.38 28.93 -21.23
C TYR A 132 -8.12 27.70 -21.68
N GLY A 133 -9.36 27.51 -21.22
CA GLY A 133 -10.13 26.29 -21.50
C GLY A 133 -9.41 25.09 -20.88
N ASP A 134 -9.36 23.97 -21.61
CA ASP A 134 -8.65 22.78 -21.13
C ASP A 134 -7.11 22.92 -21.30
N ASN A 135 -6.66 23.88 -22.12
CA ASN A 135 -5.24 24.11 -22.43
C ASN A 135 -4.57 25.09 -21.47
N GLY A 136 -4.70 24.80 -20.18
CA GLY A 136 -4.12 25.62 -19.13
C GLY A 136 -2.72 25.16 -18.73
N PRO A 137 -2.04 25.92 -17.84
CA PRO A 137 -0.70 25.49 -17.39
C PRO A 137 -0.76 24.15 -16.66
N LYS A 138 0.09 23.20 -17.06
CA LYS A 138 0.09 21.87 -16.43
C LYS A 138 1.41 21.55 -15.69
N SER A 139 2.27 22.57 -15.51
CA SER A 139 3.58 22.45 -14.85
C SER A 139 4.02 23.84 -14.36
N MET A 140 5.07 23.89 -13.51
CA MET A 140 5.59 25.17 -13.02
C MET A 140 6.24 25.96 -14.14
N ALA A 141 6.87 25.28 -15.12
CA ALA A 141 7.46 25.96 -16.29
C ALA A 141 6.35 26.69 -17.05
N ASP A 142 5.17 26.07 -17.21
CA ASP A 142 4.00 26.68 -17.84
C ASP A 142 3.43 27.84 -17.00
N PHE A 143 3.36 27.68 -15.65
CA PHE A 143 2.85 28.72 -14.76
C PHE A 143 3.72 30.00 -14.90
N PHE A 144 5.04 29.81 -15.04
CA PHE A 144 5.99 30.92 -15.16
C PHE A 144 6.14 31.41 -16.61
N ASP A 145 5.45 30.78 -17.59
CA ASP A 145 5.55 31.16 -19.01
C ASP A 145 4.48 32.16 -19.45
N VAL A 146 4.80 33.47 -19.33
CA VAL A 146 3.89 34.59 -19.64
C VAL A 146 3.67 34.70 -21.16
N LYS A 147 4.64 34.24 -21.97
CA LYS A 147 4.55 34.22 -23.43
C LYS A 147 3.56 33.16 -23.89
N LYS A 148 3.69 31.92 -23.39
CA LYS A 148 2.81 30.83 -23.78
C LYS A 148 1.43 30.95 -23.14
N PHE A 149 1.39 31.43 -21.89
CA PHE A 149 0.16 31.60 -21.12
C PHE A 149 0.06 33.04 -20.60
N PRO A 150 -0.37 34.02 -21.44
CA PRO A 150 -0.53 35.39 -20.94
C PRO A 150 -1.63 35.46 -19.90
N GLY A 151 -1.44 36.26 -18.87
CA GLY A 151 -2.48 36.41 -17.84
C GLY A 151 -2.02 36.74 -16.44
N LYS A 152 -3.00 37.02 -15.58
CA LYS A 152 -2.84 37.36 -14.17
C LYS A 152 -2.56 36.12 -13.30
N ARG A 153 -1.42 36.14 -12.60
CA ARG A 153 -1.03 35.09 -11.65
C ARG A 153 -1.38 35.54 -10.23
N ALA A 154 -1.56 34.56 -9.32
CA ALA A 154 -1.76 34.78 -7.90
C ALA A 154 -0.88 33.78 -7.16
N LEU A 155 -0.09 34.29 -6.22
CA LEU A 155 0.84 33.49 -5.43
C LEU A 155 0.62 33.82 -3.97
N TRP A 156 1.01 32.92 -3.05
CA TRP A 156 0.88 33.15 -1.60
C TRP A 156 1.81 34.32 -1.18
N ASN A 157 1.46 35.08 -0.12
CA ASN A 157 2.36 36.12 0.35
C ASN A 157 3.43 35.53 1.31
N GLN A 158 3.40 34.20 1.55
CA GLN A 158 4.38 33.51 2.39
C GLN A 158 5.20 32.59 1.46
N PRO A 159 6.51 32.37 1.73
CA PRO A 159 7.34 31.64 0.74
C PRO A 159 7.26 30.12 0.65
N ILE A 160 6.73 29.39 1.66
CA ILE A 160 6.73 27.91 1.54
C ILE A 160 5.85 27.43 0.37
N GLY A 161 6.50 26.76 -0.57
CA GLY A 161 5.90 26.25 -1.80
C GLY A 161 6.14 27.17 -2.97
N MET A 162 6.41 28.47 -2.69
CA MET A 162 6.63 29.51 -3.70
C MET A 162 8.07 29.54 -4.23
N ILE A 163 9.08 29.39 -3.33
CA ILE A 163 10.50 29.34 -3.71
C ILE A 163 10.74 28.08 -4.55
N GLU A 164 10.20 26.93 -4.06
CA GLU A 164 10.31 25.62 -4.72
C GLU A 164 9.65 25.65 -6.09
N ALA A 165 8.50 26.38 -6.23
CA ALA A 165 7.79 26.52 -7.51
C ALA A 165 8.70 27.16 -8.59
N ALA A 166 9.49 28.18 -8.20
CA ALA A 166 10.43 28.87 -9.08
C ALA A 166 11.57 27.93 -9.47
N ALA A 167 12.06 27.10 -8.51
CA ALA A 167 13.14 26.12 -8.78
C ALA A 167 12.64 25.09 -9.79
N LEU A 168 11.37 24.62 -9.66
CA LEU A 168 10.74 23.68 -10.58
C LEU A 168 10.59 24.30 -11.97
N ALA A 169 10.14 25.58 -12.02
CA ALA A 169 9.97 26.37 -13.24
C ALA A 169 11.27 26.52 -14.04
N LEU A 170 12.44 26.55 -13.34
CA LEU A 170 13.78 26.61 -13.95
C LEU A 170 14.24 25.28 -14.55
N GLY A 171 13.46 24.21 -14.35
CA GLY A 171 13.75 22.90 -14.91
C GLY A 171 14.30 21.87 -13.94
N THR A 172 14.36 22.22 -12.64
CA THR A 172 14.87 21.30 -11.61
C THR A 172 13.95 20.09 -11.51
N PRO A 173 14.46 18.84 -11.62
CA PRO A 173 13.56 17.68 -11.43
C PRO A 173 12.96 17.71 -10.01
N ARG A 174 11.70 17.27 -9.85
CA ARG A 174 10.97 17.25 -8.58
C ARG A 174 11.76 16.63 -7.45
N ASP A 175 12.52 15.55 -7.73
CA ASP A 175 13.31 14.85 -6.71
C ASP A 175 14.61 15.59 -6.34
N LYS A 176 14.93 16.69 -7.04
CA LYS A 176 16.17 17.46 -6.78
C LYS A 176 15.92 18.92 -6.32
N VAL A 177 14.64 19.27 -6.04
CA VAL A 177 14.22 20.61 -5.61
C VAL A 177 15.13 21.19 -4.50
N TYR A 178 15.29 20.42 -3.42
CA TYR A 178 16.04 20.85 -2.24
C TYR A 178 17.55 20.66 -2.41
N GLU A 179 17.97 19.87 -3.42
CA GLU A 179 19.38 19.77 -3.74
C GLU A 179 19.74 21.10 -4.42
N PHE A 180 18.86 21.59 -5.32
CA PHE A 180 19.04 22.85 -6.03
C PHE A 180 19.04 24.06 -5.08
N LEU A 181 18.10 24.09 -4.13
CA LEU A 181 18.00 25.17 -3.14
C LEU A 181 19.04 25.04 -1.99
N SER A 182 19.97 24.05 -2.07
CA SER A 182 21.01 23.86 -1.05
C SER A 182 22.21 24.79 -1.28
N THR A 183 22.34 25.35 -2.49
CA THR A 183 23.42 26.27 -2.84
C THR A 183 22.88 27.71 -2.81
N GLU A 184 23.78 28.68 -2.58
CA GLU A 184 23.47 30.11 -2.60
C GLU A 184 23.01 30.52 -4.02
N GLU A 185 23.68 29.94 -5.04
CA GLU A 185 23.48 30.11 -6.49
C GLU A 185 22.05 29.67 -6.90
N GLY A 186 21.62 28.51 -6.41
CA GLY A 186 20.28 27.99 -6.68
C GLY A 186 19.22 28.86 -6.04
N ARG A 187 19.47 29.30 -4.79
CA ARG A 187 18.55 30.17 -4.05
C ARG A 187 18.39 31.54 -4.73
N LYS A 188 19.50 32.13 -5.19
CA LYS A 188 19.48 33.40 -5.92
C LYS A 188 18.74 33.31 -7.25
N ALA A 189 18.92 32.18 -7.97
CA ALA A 189 18.25 31.91 -9.25
C ALA A 189 16.73 31.77 -9.06
N ALA A 190 16.30 31.10 -7.98
CA ALA A 190 14.87 30.91 -7.66
C ALA A 190 14.19 32.27 -7.39
N ILE A 191 14.88 33.18 -6.67
CA ILE A 191 14.38 34.53 -6.36
C ILE A 191 14.33 35.37 -7.65
N ALA A 192 15.36 35.22 -8.51
CA ALA A 192 15.46 35.92 -9.80
C ALA A 192 14.30 35.49 -10.71
N LYS A 193 13.93 34.20 -10.67
CA LYS A 193 12.81 33.66 -11.46
C LYS A 193 11.48 34.24 -10.96
N LEU A 194 11.33 34.37 -9.63
CA LEU A 194 10.15 34.98 -9.00
C LEU A 194 10.03 36.48 -9.33
N THR A 195 11.18 37.18 -9.39
CA THR A 195 11.25 38.61 -9.74
C THR A 195 10.79 38.83 -11.18
N GLU A 196 11.24 37.97 -12.11
CA GLU A 196 10.84 37.98 -13.52
C GLU A 196 9.31 37.76 -13.65
N LEU A 197 8.71 36.93 -12.78
CA LEU A 197 7.27 36.66 -12.82
C LEU A 197 6.46 37.78 -12.17
N ALA A 198 7.00 38.41 -11.09
CA ALA A 198 6.35 39.45 -10.28
C ALA A 198 5.47 40.49 -11.04
N PRO A 199 5.86 41.09 -12.21
CA PRO A 199 4.94 42.04 -12.89
C PRO A 199 3.62 41.42 -13.39
N SER A 200 3.55 40.08 -13.54
CA SER A 200 2.33 39.37 -13.97
C SER A 200 1.54 38.82 -12.77
N VAL A 201 2.01 39.09 -11.54
CA VAL A 201 1.32 38.63 -10.33
C VAL A 201 0.35 39.73 -9.91
N SER A 202 -0.95 39.55 -10.19
CA SER A 202 -1.94 40.59 -9.86
C SER A 202 -2.29 40.63 -8.37
N VAL A 203 -2.17 39.50 -7.65
CA VAL A 203 -2.50 39.46 -6.23
C VAL A 203 -1.61 38.47 -5.49
N TRP A 204 -1.17 38.88 -4.28
CA TRP A 204 -0.39 38.04 -3.39
C TRP A 204 -1.39 37.66 -2.31
N TRP A 205 -2.07 36.49 -2.52
CA TRP A 205 -3.15 36.07 -1.61
C TRP A 205 -2.64 35.76 -0.21
N GLU A 206 -3.45 36.09 0.79
CA GLU A 206 -3.04 36.01 2.20
C GLU A 206 -3.68 34.90 3.01
N SER A 207 -4.82 34.39 2.56
CA SER A 207 -5.56 33.34 3.24
C SER A 207 -6.20 32.42 2.20
N GLY A 208 -6.46 31.18 2.60
CA GLY A 208 -7.11 30.17 1.77
C GLY A 208 -8.47 30.63 1.28
N ALA A 209 -9.27 31.30 2.15
CA ALA A 209 -10.59 31.79 1.77
C ALA A 209 -10.51 32.89 0.73
N GLN A 210 -9.50 33.77 0.83
CA GLN A 210 -9.27 34.81 -0.17
C GLN A 210 -8.89 34.16 -1.52
N ALA A 211 -8.02 33.13 -1.50
CA ALA A 211 -7.62 32.43 -2.74
C ALA A 211 -8.89 31.79 -3.38
N ALA A 212 -9.75 31.16 -2.56
CA ALA A 212 -10.99 30.53 -3.04
C ALA A 212 -11.93 31.60 -3.65
N GLN A 213 -11.99 32.81 -3.02
CA GLN A 213 -12.82 33.91 -3.54
C GLN A 213 -12.31 34.41 -4.92
N LEU A 214 -10.99 34.57 -5.07
CA LEU A 214 -10.36 34.94 -6.36
C LEU A 214 -10.76 33.96 -7.46
N ILE A 215 -10.74 32.66 -7.15
CA ILE A 215 -11.11 31.56 -8.06
C ILE A 215 -12.63 31.66 -8.39
N LYS A 216 -13.50 31.77 -7.37
CA LYS A 216 -14.95 31.90 -7.58
C LYS A 216 -15.29 33.13 -8.43
N ASP A 217 -14.61 34.26 -8.24
CA ASP A 217 -14.90 35.45 -9.05
C ASP A 217 -14.21 35.49 -10.41
N GLY A 218 -13.32 34.55 -10.69
CA GLY A 218 -12.55 34.51 -11.93
C GLY A 218 -11.64 35.74 -12.05
N GLU A 219 -11.18 36.28 -10.92
CA GLU A 219 -10.34 37.49 -10.85
C GLU A 219 -8.87 37.26 -11.20
N VAL A 220 -8.46 35.99 -11.24
CA VAL A 220 -7.11 35.57 -11.63
C VAL A 220 -7.22 34.60 -12.79
N ASP A 221 -6.14 34.43 -13.55
CA ASP A 221 -6.10 33.48 -14.67
C ASP A 221 -5.49 32.18 -14.23
N MET A 222 -4.57 32.25 -13.28
CA MET A 222 -3.95 31.05 -12.71
C MET A 222 -3.47 31.37 -11.29
N ILE A 223 -3.38 30.34 -10.46
CA ILE A 223 -3.02 30.51 -9.06
C ILE A 223 -2.30 29.28 -8.50
N ILE A 224 -1.38 29.52 -7.61
CA ILE A 224 -0.77 28.45 -6.82
C ILE A 224 -1.40 28.62 -5.42
N THR A 225 -2.19 27.63 -5.00
CA THR A 225 -2.85 27.61 -3.68
C THR A 225 -3.13 26.14 -3.28
N TRP A 226 -3.80 25.95 -2.14
CA TRP A 226 -4.09 24.64 -1.55
C TRP A 226 -5.30 23.98 -2.23
N GLY A 227 -5.13 22.69 -2.52
CA GLY A 227 -6.10 21.83 -3.22
C GLY A 227 -7.51 21.85 -2.69
N GLY A 228 -7.65 21.81 -1.36
CA GLY A 228 -8.95 21.86 -0.70
C GLY A 228 -9.70 23.16 -0.96
N ARG A 229 -8.97 24.27 -0.95
CA ARG A 229 -9.52 25.61 -1.24
C ARG A 229 -9.99 25.67 -2.70
N VAL A 230 -9.18 25.12 -3.61
CA VAL A 230 -9.48 25.07 -5.05
C VAL A 230 -10.73 24.23 -5.29
N GLN A 231 -10.74 22.99 -4.78
CA GLN A 231 -11.89 22.10 -4.97
C GLN A 231 -13.20 22.69 -4.39
N GLY A 232 -13.09 23.36 -3.25
CA GLY A 232 -14.22 24.03 -2.60
C GLY A 232 -14.80 25.13 -3.48
N ALA A 233 -13.91 25.92 -4.14
CA ALA A 233 -14.34 26.98 -5.05
C ALA A 233 -15.04 26.37 -6.27
N ILE A 234 -14.47 25.30 -6.85
CA ILE A 234 -15.03 24.58 -7.99
C ILE A 234 -16.41 24.02 -7.60
N ASN A 235 -16.53 23.39 -6.40
CA ASN A 235 -17.84 22.87 -5.91
C ASN A 235 -18.87 24.02 -5.79
N ASP A 236 -18.40 25.26 -5.54
CA ASP A 236 -19.25 26.45 -5.44
C ASP A 236 -19.58 27.09 -6.80
N GLY A 237 -19.15 26.44 -7.88
CA GLY A 237 -19.42 26.92 -9.24
C GLY A 237 -18.26 27.53 -10.00
N ALA A 238 -17.04 27.64 -9.40
CA ALA A 238 -15.90 28.23 -10.13
C ALA A 238 -15.51 27.42 -11.36
N ASN A 239 -15.33 28.12 -12.49
CA ASN A 239 -14.96 27.54 -13.78
C ASN A 239 -13.43 27.42 -13.89
N PHE A 240 -12.87 26.67 -12.95
CA PHE A 240 -11.45 26.42 -12.84
C PHE A 240 -11.14 24.94 -12.91
N ALA A 241 -9.91 24.62 -13.30
CA ALA A 241 -9.40 23.25 -13.32
C ALA A 241 -8.07 23.27 -12.58
N TYR A 242 -7.57 22.09 -12.22
CA TYR A 242 -6.29 22.02 -11.52
C TYR A 242 -5.60 20.71 -11.78
N THR A 243 -4.33 20.63 -11.41
CA THR A 243 -3.47 19.47 -11.56
C THR A 243 -2.62 19.25 -10.32
N PHE A 244 -2.26 17.99 -10.04
CA PHE A 244 -1.33 17.64 -8.96
C PHE A 244 0.12 17.67 -9.51
N ASN A 245 0.30 17.86 -10.85
CA ASN A 245 1.66 17.91 -11.44
C ASN A 245 2.46 19.08 -10.90
N ASP A 246 3.68 18.78 -10.39
CA ASP A 246 4.58 19.77 -9.79
C ASP A 246 4.08 20.34 -8.48
N ALA A 247 3.05 19.71 -7.88
CA ALA A 247 2.51 20.20 -6.61
C ALA A 247 3.39 19.78 -5.43
N GLN A 248 3.37 20.55 -4.36
CA GLN A 248 4.08 20.25 -3.13
C GLN A 248 3.15 19.49 -2.21
N LEU A 249 3.61 18.31 -1.73
CA LEU A 249 2.85 17.51 -0.78
C LEU A 249 3.23 18.00 0.61
N GLY A 250 2.26 18.66 1.23
CA GLY A 250 2.41 19.23 2.56
C GLY A 250 1.74 18.43 3.65
N THR A 251 2.10 18.74 4.89
CA THR A 251 1.55 18.10 6.08
C THR A 251 1.12 19.19 7.06
N ASP A 252 -0.14 19.14 7.45
CA ASP A 252 -0.69 20.06 8.44
C ASP A 252 -0.81 19.34 9.75
N GLY A 253 -0.68 20.08 10.83
CA GLY A 253 -0.81 19.50 12.17
C GLY A 253 -1.02 20.48 13.28
N TYR A 254 -1.01 19.98 14.51
CA TYR A 254 -1.23 20.78 15.69
C TYR A 254 -0.01 20.82 16.60
N ALA A 255 0.13 21.96 17.27
CA ALA A 255 1.17 22.22 18.27
C ALA A 255 0.50 23.01 19.41
N ILE A 256 1.10 22.96 20.61
CA ILE A 256 0.57 23.69 21.76
C ILE A 256 1.53 24.85 22.03
N VAL A 257 0.99 26.07 22.14
CA VAL A 257 1.77 27.31 22.37
C VAL A 257 2.48 27.27 23.72
N LYS A 258 3.78 27.63 23.75
CA LYS A 258 4.57 27.73 24.98
C LYS A 258 3.88 28.73 25.91
N GLY A 259 3.54 28.26 27.11
CA GLY A 259 2.86 29.07 28.11
C GLY A 259 1.37 29.11 27.92
N ALA A 260 0.80 28.14 27.16
CA ALA A 260 -0.64 28.02 26.91
C ALA A 260 -1.41 28.06 28.26
N PRO A 261 -2.42 28.96 28.41
CA PRO A 261 -3.12 29.06 29.73
C PRO A 261 -3.89 27.80 30.12
N HIS A 262 -4.27 26.96 29.15
CA HIS A 262 -5.00 25.71 29.42
C HIS A 262 -4.23 24.52 28.84
N ARG A 263 -2.89 24.49 29.06
CA ARG A 263 -1.94 23.49 28.57
C ARG A 263 -2.38 22.04 28.76
N ASP A 264 -2.70 21.66 30.01
CA ASP A 264 -3.15 20.31 30.40
C ASP A 264 -4.42 19.89 29.64
N ALA A 265 -5.45 20.76 29.64
CA ALA A 265 -6.72 20.53 28.94
C ALA A 265 -6.52 20.44 27.41
N ALA A 266 -5.64 21.29 26.85
CA ALA A 266 -5.27 21.32 25.43
C ALA A 266 -4.63 19.99 25.02
N MET A 267 -3.72 19.43 25.87
CA MET A 267 -3.03 18.15 25.65
C MET A 267 -4.06 17.00 25.51
N ARG A 268 -5.07 16.95 26.42
CA ARG A 268 -6.15 15.95 26.41
C ARG A 268 -7.02 16.10 25.15
N PHE A 269 -7.32 17.35 24.76
CA PHE A 269 -8.14 17.69 23.58
C PHE A 269 -7.44 17.26 22.30
N LEU A 270 -6.14 17.55 22.20
CA LEU A 270 -5.32 17.17 21.04
C LEU A 270 -5.20 15.65 20.94
N LYS A 271 -5.07 14.94 22.09
CA LYS A 271 -4.99 13.47 22.09
C LYS A 271 -6.29 12.88 21.51
N GLU A 272 -7.44 13.37 22.00
CA GLU A 272 -8.75 12.91 21.54
C GLU A 272 -9.02 13.18 20.06
N MET A 273 -8.80 14.43 19.59
CA MET A 273 -9.09 14.81 18.20
C MET A 273 -8.18 14.14 17.14
N SER A 274 -7.06 13.54 17.55
CA SER A 274 -6.09 12.84 16.68
C SER A 274 -6.54 11.40 16.39
N LYS A 275 -7.56 10.90 17.11
CA LYS A 275 -8.09 9.54 16.99
C LYS A 275 -8.73 9.29 15.62
N ALA A 276 -8.57 8.06 15.11
CA ALA A 276 -9.13 7.57 13.85
C ALA A 276 -10.65 7.84 13.69
N GLU A 277 -11.43 7.68 14.80
CA GLU A 277 -12.89 7.87 14.84
C GLU A 277 -13.35 9.28 14.41
N TYR A 278 -12.47 10.30 14.60
CA TYR A 278 -12.72 11.70 14.22
C TYR A 278 -12.08 12.00 12.89
N GLN A 279 -10.80 11.53 12.71
CA GLN A 279 -10.03 11.71 11.47
C GLN A 279 -10.77 11.21 10.24
N LYS A 280 -11.52 10.09 10.36
CA LYS A 280 -12.30 9.50 9.27
C LYS A 280 -13.29 10.49 8.59
N ASP A 281 -13.83 11.44 9.38
CA ASP A 281 -14.82 12.44 8.94
C ASP A 281 -14.23 13.73 8.37
N LEU A 282 -12.92 13.94 8.55
CA LEU A 282 -12.22 15.14 8.06
C LEU A 282 -12.47 15.45 6.56
N PRO A 283 -12.46 14.47 5.61
CA PRO A 283 -12.71 14.84 4.21
C PRO A 283 -14.16 14.69 3.73
N ASN A 284 -15.16 14.66 4.67
CA ASN A 284 -16.58 14.47 4.32
C ASN A 284 -17.08 15.44 3.24
N SER A 285 -16.69 16.73 3.36
CA SER A 285 -17.02 17.72 2.34
C SER A 285 -15.75 18.42 1.81
N PHE A 286 -14.79 18.72 2.72
CA PHE A 286 -13.54 19.41 2.35
C PHE A 286 -12.51 18.42 1.79
N ALA A 287 -11.91 18.77 0.64
CA ALA A 287 -10.93 17.90 -0.04
C ALA A 287 -9.56 17.98 0.66
N THR A 288 -9.39 17.11 1.66
CA THR A 288 -8.15 16.93 2.42
C THR A 288 -7.88 15.44 2.57
N ALA A 289 -6.68 15.08 3.04
CA ALA A 289 -6.33 13.69 3.26
C ALA A 289 -6.04 13.48 4.73
N PRO A 290 -6.80 12.62 5.46
CA PRO A 290 -6.48 12.38 6.89
C PRO A 290 -5.06 11.85 7.11
N ALA A 291 -4.39 12.24 8.22
CA ALA A 291 -3.02 11.77 8.52
C ALA A 291 -3.01 10.45 9.32
N ASN A 292 -4.07 10.18 10.10
CA ASN A 292 -4.17 8.93 10.86
C ASN A 292 -4.59 7.83 9.89
N MET A 293 -3.67 6.91 9.60
CA MET A 293 -3.83 5.80 8.66
C MET A 293 -4.98 4.83 9.01
N LYS A 294 -5.35 4.73 10.30
CA LYS A 294 -6.47 3.88 10.72
C LYS A 294 -7.83 4.47 10.25
N ALA A 295 -7.89 5.79 9.93
CA ALA A 295 -9.11 6.46 9.46
C ALA A 295 -9.60 5.90 8.12
N TYR A 296 -8.67 5.49 7.24
CA TYR A 296 -8.95 4.94 5.92
C TYR A 296 -9.73 3.62 5.98
N ASP A 297 -9.36 2.75 6.94
CA ASP A 297 -10.01 1.46 7.19
C ASP A 297 -11.42 1.64 7.77
N LEU A 298 -11.60 2.66 8.63
CA LEU A 298 -12.84 3.00 9.31
C LEU A 298 -13.88 3.66 8.39
N ALA A 299 -13.42 4.54 7.48
CA ALA A 299 -14.30 5.27 6.56
C ALA A 299 -14.60 4.55 5.25
N LYS A 300 -13.58 3.83 4.69
CA LYS A 300 -13.62 3.11 3.40
C LYS A 300 -14.03 4.06 2.26
N TYR A 301 -13.14 5.03 1.95
CA TYR A 301 -13.36 6.03 0.91
C TYR A 301 -13.46 5.41 -0.49
N THR A 302 -14.39 5.94 -1.31
CA THR A 302 -14.61 5.50 -2.69
C THR A 302 -13.40 5.90 -3.56
N PRO A 303 -13.04 5.15 -4.64
CA PRO A 303 -11.90 5.56 -5.48
C PRO A 303 -11.99 7.03 -5.94
N GLU A 304 -13.24 7.46 -6.24
CA GLU A 304 -13.65 8.81 -6.62
C GLU A 304 -13.15 9.80 -5.55
N LYS A 305 -13.39 9.49 -4.25
CA LYS A 305 -12.94 10.28 -3.09
C LYS A 305 -11.41 10.33 -3.00
N MET A 306 -10.75 9.16 -3.08
CA MET A 306 -9.29 9.01 -3.02
C MET A 306 -8.54 9.85 -4.05
N ALA A 307 -9.08 9.97 -5.29
CA ALA A 307 -8.50 10.72 -6.41
C ALA A 307 -8.26 12.20 -6.12
N THR A 308 -9.08 12.80 -5.23
CA THR A 308 -8.95 14.21 -4.85
C THR A 308 -7.92 14.38 -3.74
N MET A 309 -7.48 13.26 -3.10
CA MET A 309 -6.54 13.31 -1.98
C MET A 309 -5.10 13.49 -2.40
N ALA A 310 -4.44 14.44 -1.75
CA ALA A 310 -3.04 14.78 -1.95
C ALA A 310 -2.11 13.55 -1.79
N SER A 311 -2.46 12.66 -0.84
CA SER A 311 -1.69 11.47 -0.49
C SER A 311 -2.04 10.21 -1.30
N ALA A 312 -3.00 10.28 -2.25
CA ALA A 312 -3.34 9.14 -3.11
C ALA A 312 -2.09 8.77 -3.96
N PRO A 313 -1.76 7.46 -4.12
CA PRO A 313 -0.54 7.08 -4.87
C PRO A 313 -0.34 7.77 -6.22
N GLU A 314 -1.38 7.80 -7.09
CA GLU A 314 -1.27 8.44 -8.40
C GLU A 314 -0.95 9.93 -8.31
N ASN A 315 -1.46 10.62 -7.28
CA ASN A 315 -1.19 12.03 -7.04
C ASN A 315 0.21 12.28 -6.50
N VAL A 316 0.63 11.45 -5.52
CA VAL A 316 1.97 11.50 -4.90
C VAL A 316 3.05 11.34 -5.97
N ALA A 317 2.83 10.44 -6.96
CA ALA A 317 3.76 10.16 -8.05
C ALA A 317 4.19 11.40 -8.86
N VAL A 318 3.35 12.46 -8.94
CA VAL A 318 3.69 13.66 -9.72
C VAL A 318 4.02 14.88 -8.82
N GLN A 319 4.17 14.63 -7.52
CA GLN A 319 4.48 15.63 -6.49
C GLN A 319 5.87 15.43 -5.89
N TYR A 320 6.25 16.35 -4.98
CA TYR A 320 7.48 16.28 -4.19
C TYR A 320 7.04 16.71 -2.78
N SER A 321 7.62 16.10 -1.76
CA SER A 321 7.24 16.45 -0.37
C SER A 321 8.00 17.68 0.11
N VAL A 322 7.33 18.54 0.88
CA VAL A 322 7.99 19.72 1.50
C VAL A 322 9.17 19.20 2.37
N ASP A 323 10.26 19.95 2.44
CA ASP A 323 11.39 19.52 3.27
C ASP A 323 11.56 20.46 4.47
N PRO A 324 11.12 20.02 5.68
CA PRO A 324 11.29 20.86 6.88
C PRO A 324 12.74 21.21 7.21
N ASN A 325 13.70 20.32 6.86
CA ASN A 325 15.14 20.55 7.08
C ASN A 325 15.63 21.79 6.32
N PHE A 326 15.11 22.03 5.09
CA PHE A 326 15.49 23.20 4.30
C PHE A 326 14.98 24.49 4.98
N TRP A 327 13.69 24.49 5.36
CA TRP A 327 13.04 25.64 5.99
C TRP A 327 13.59 25.94 7.38
N ALA A 328 14.03 24.91 8.12
CA ALA A 328 14.66 25.10 9.43
C ALA A 328 15.97 25.92 9.27
N LYS A 329 16.61 25.88 8.09
CA LYS A 329 17.87 26.59 7.80
C LYS A 329 17.71 27.95 7.09
N HIS A 330 16.85 28.03 6.05
CA HIS A 330 16.79 29.24 5.23
C HIS A 330 15.48 30.02 5.25
N ALA A 331 14.64 29.85 6.29
CA ALA A 331 13.37 30.56 6.39
C ALA A 331 13.52 32.07 6.47
N LYS A 332 14.47 32.57 7.29
CA LYS A 332 14.74 34.00 7.47
C LYS A 332 15.19 34.65 6.15
N TRP A 333 16.09 33.98 5.41
CA TRP A 333 16.55 34.44 4.10
C TRP A 333 15.34 34.48 3.12
N ALA A 334 14.54 33.39 3.08
CA ALA A 334 13.40 33.25 2.18
C ALA A 334 12.33 34.30 2.43
N SER A 335 12.04 34.56 3.72
CA SER A 335 11.08 35.58 4.13
C SER A 335 11.46 36.96 3.60
N GLU A 336 12.70 37.42 3.85
CA GLU A 336 13.22 38.71 3.40
C GLU A 336 13.31 38.83 1.88
N ALA A 337 13.92 37.82 1.22
CA ALA A 337 14.05 37.84 -0.24
C ALA A 337 12.66 37.79 -0.93
N TYR A 338 11.70 36.97 -0.42
CA TYR A 338 10.34 36.88 -0.98
C TYR A 338 9.55 38.18 -0.73
N ASP A 339 9.75 38.82 0.44
CA ASP A 339 9.15 40.13 0.78
C ASP A 339 9.60 41.14 -0.28
N ASN A 340 10.90 41.12 -0.68
CA ASN A 340 11.44 42.03 -1.69
C ASN A 340 10.82 41.83 -3.04
N VAL A 341 10.59 40.56 -3.45
CA VAL A 341 9.94 40.21 -4.70
C VAL A 341 8.54 40.84 -4.75
N ARG A 342 7.77 40.71 -3.66
CA ARG A 342 6.41 41.23 -3.56
C ARG A 342 6.34 42.74 -3.40
N LEU A 343 7.31 43.33 -2.65
CA LEU A 343 7.41 44.78 -2.40
C LEU A 343 7.85 45.55 -3.66
N SER A 344 8.24 44.85 -4.74
CA SER A 344 8.63 45.52 -5.99
C SER A 344 7.39 46.04 -6.76
N ARG A 345 6.18 45.91 -6.15
CA ARG A 345 4.89 46.37 -6.66
C ARG A 345 4.30 47.38 -5.67
N HIS B 20 11.85 0.82 -16.19
CA HIS B 20 12.88 0.06 -16.91
C HIS B 20 12.32 -0.79 -18.09
N MET B 21 13.23 -1.50 -18.80
CA MET B 21 12.98 -2.25 -20.03
C MET B 21 12.81 -3.78 -19.86
N ASP B 22 13.17 -4.36 -18.70
CA ASP B 22 13.09 -5.81 -18.45
C ASP B 22 11.69 -6.29 -18.11
N VAL B 23 11.34 -7.50 -18.57
CA VAL B 23 10.09 -8.16 -18.17
C VAL B 23 10.28 -8.52 -16.69
N VAL B 24 9.26 -8.23 -15.85
CA VAL B 24 9.36 -8.55 -14.43
C VAL B 24 8.49 -9.78 -14.15
N ILE B 25 9.10 -10.86 -13.64
CA ILE B 25 8.44 -12.11 -13.26
C ILE B 25 8.56 -12.31 -11.73
N ALA B 26 7.45 -12.71 -11.08
CA ALA B 26 7.43 -12.89 -9.64
C ALA B 26 6.75 -14.19 -9.18
N SER B 27 7.39 -14.86 -8.20
CA SER B 27 6.81 -16.06 -7.57
C SER B 27 6.95 -15.86 -6.03
N SER B 28 6.97 -16.94 -5.23
CA SER B 28 6.99 -16.87 -3.77
C SER B 28 8.36 -17.08 -3.09
N GLY B 29 9.45 -17.05 -3.88
CA GLY B 29 10.82 -17.21 -3.38
C GLY B 29 11.23 -18.62 -2.98
N GLY B 30 12.39 -18.69 -2.31
CA GLY B 30 12.94 -19.95 -1.83
C GLY B 30 13.27 -20.95 -2.92
N GLY B 31 13.23 -22.24 -2.56
CA GLY B 31 13.54 -23.34 -3.48
C GLY B 31 12.63 -23.40 -4.68
N TRP B 32 11.34 -23.06 -4.52
CA TRP B 32 10.36 -23.06 -5.60
C TRP B 32 10.71 -22.01 -6.69
N GLN B 33 11.02 -20.76 -6.29
CA GLN B 33 11.41 -19.70 -7.24
C GLN B 33 12.73 -20.05 -7.94
N GLU B 34 13.69 -20.59 -7.17
CA GLU B 34 15.01 -21.00 -7.69
C GLU B 34 14.85 -22.10 -8.75
N ALA B 35 13.93 -23.05 -8.53
CA ALA B 35 13.65 -24.13 -9.47
C ALA B 35 13.01 -23.58 -10.76
N GLN B 36 12.04 -22.64 -10.63
CA GLN B 36 11.42 -22.00 -11.81
C GLN B 36 12.45 -21.18 -12.58
N ASP B 37 13.29 -20.41 -11.87
CA ASP B 37 14.32 -19.59 -12.52
C ASP B 37 15.33 -20.46 -13.32
N LYS B 38 15.82 -21.56 -12.70
CA LYS B 38 16.80 -22.44 -13.33
C LYS B 38 16.23 -23.23 -14.53
N ALA B 39 15.08 -23.88 -14.35
CA ALA B 39 14.46 -24.72 -15.36
C ALA B 39 13.69 -23.98 -16.43
N LEU B 40 13.02 -22.87 -16.06
CA LEU B 40 12.13 -22.17 -16.97
C LEU B 40 12.56 -20.78 -17.40
N TRP B 41 12.73 -19.87 -16.44
CA TRP B 41 13.00 -18.45 -16.75
C TRP B 41 14.34 -18.20 -17.45
N ALA B 42 15.48 -18.61 -16.86
CA ALA B 42 16.79 -18.39 -17.48
C ALA B 42 16.93 -19.08 -18.86
N PRO B 43 16.57 -20.37 -19.06
CA PRO B 43 16.67 -20.95 -20.41
C PRO B 43 15.73 -20.34 -21.46
N ALA B 44 14.45 -20.04 -21.10
CA ALA B 44 13.50 -19.43 -22.06
C ALA B 44 13.92 -18.01 -22.45
N ALA B 45 14.44 -17.23 -21.49
CA ALA B 45 14.90 -15.88 -21.79
C ALA B 45 16.12 -15.89 -22.72
N LYS B 46 17.02 -16.89 -22.54
CA LYS B 46 18.23 -17.10 -23.36
C LYS B 46 17.81 -17.46 -24.79
N ALA B 47 16.82 -18.36 -24.95
CA ALA B 47 16.31 -18.75 -26.26
C ALA B 47 15.65 -17.56 -26.99
N LEU B 48 14.99 -16.66 -26.24
CA LEU B 48 14.35 -15.48 -26.81
C LEU B 48 15.29 -14.28 -26.89
N ASN B 49 16.53 -14.42 -26.34
CA ASN B 49 17.53 -13.34 -26.24
C ASN B 49 16.92 -12.08 -25.58
N ILE B 50 16.27 -12.28 -24.42
CA ILE B 50 15.64 -11.21 -23.64
C ILE B 50 16.23 -11.18 -22.23
N THR B 51 16.04 -10.04 -21.53
CA THR B 51 16.51 -9.83 -20.17
CA THR B 51 16.49 -9.85 -20.16
C THR B 51 15.27 -9.71 -19.27
N TYR B 52 15.37 -10.24 -18.05
CA TYR B 52 14.25 -10.20 -17.11
C TYR B 52 14.74 -9.92 -15.68
N THR B 53 13.83 -9.42 -14.86
CA THR B 53 14.06 -9.11 -13.45
C THR B 53 13.10 -9.99 -12.63
N GLN B 54 13.54 -10.46 -11.47
CA GLN B 54 12.68 -11.24 -10.58
C GLN B 54 12.18 -10.41 -9.41
N ASP B 55 11.04 -10.80 -8.86
CA ASP B 55 10.49 -10.24 -7.64
C ASP B 55 9.79 -11.39 -6.87
N THR B 56 9.35 -11.14 -5.63
CA THR B 56 8.68 -12.15 -4.80
C THR B 56 7.49 -11.54 -4.12
N PHE B 57 6.43 -12.36 -3.92
CA PHE B 57 5.20 -11.98 -3.22
C PHE B 57 4.58 -13.27 -2.67
N GLN B 58 3.79 -13.15 -1.60
CA GLN B 58 3.16 -14.33 -1.00
C GLN B 58 1.66 -14.47 -1.33
N ASN B 59 0.98 -13.37 -1.67
CA ASN B 59 -0.46 -13.34 -1.92
C ASN B 59 -0.77 -12.46 -3.13
N TRP B 60 -1.68 -12.93 -4.04
CA TRP B 60 -2.09 -12.22 -5.25
C TRP B 60 -2.69 -10.83 -4.94
N ALA B 61 -3.08 -10.58 -3.67
CA ALA B 61 -3.61 -9.30 -3.22
C ALA B 61 -2.53 -8.21 -3.37
N GLU B 62 -1.23 -8.62 -3.41
CA GLU B 62 -0.12 -7.68 -3.63
C GLU B 62 -0.12 -7.21 -5.11
N ALA B 63 -0.58 -8.09 -6.05
CA ALA B 63 -0.74 -7.73 -7.46
C ALA B 63 -1.94 -6.79 -7.62
N ARG B 64 -3.05 -7.07 -6.85
CA ARG B 64 -4.26 -6.23 -6.80
C ARG B 64 -3.92 -4.80 -6.34
N ALA B 65 -3.04 -4.68 -5.32
CA ALA B 65 -2.58 -3.40 -4.78
C ALA B 65 -1.89 -2.55 -5.88
N GLN B 66 -1.04 -3.16 -6.74
CA GLN B 66 -0.39 -2.47 -7.88
C GLN B 66 -1.42 -1.95 -8.89
N VAL B 67 -2.46 -2.76 -9.18
CA VAL B 67 -3.54 -2.40 -10.11
C VAL B 67 -4.37 -1.23 -9.54
N GLU B 68 -4.70 -1.29 -8.23
CA GLU B 68 -5.47 -0.26 -7.52
C GLU B 68 -4.70 1.06 -7.38
N SER B 69 -3.39 0.99 -7.15
CA SER B 69 -2.51 2.17 -7.00
C SER B 69 -2.26 2.89 -8.33
N GLY B 70 -2.54 2.22 -9.44
CA GLY B 70 -2.34 2.77 -10.79
C GLY B 70 -0.90 2.71 -11.27
N SER B 71 -0.03 1.96 -10.56
CA SER B 71 1.38 1.78 -10.89
C SER B 71 1.74 0.29 -10.90
N VAL B 72 1.63 -0.32 -12.08
CA VAL B 72 1.91 -1.74 -12.27
C VAL B 72 3.37 -1.90 -12.74
N THR B 73 4.18 -2.61 -11.95
CA THR B 73 5.59 -2.87 -12.28
C THR B 73 5.80 -4.36 -12.66
N TRP B 74 4.93 -5.26 -12.17
CA TRP B 74 5.03 -6.70 -12.47
C TRP B 74 4.38 -7.06 -13.79
N ASP B 75 5.01 -7.97 -14.53
CA ASP B 75 4.45 -8.48 -15.79
C ASP B 75 3.84 -9.86 -15.56
N ILE B 76 4.67 -10.85 -15.21
CA ILE B 76 4.22 -12.22 -14.96
C ILE B 76 4.16 -12.47 -13.46
N ILE B 77 3.03 -13.04 -12.99
CA ILE B 77 2.84 -13.42 -11.60
C ILE B 77 2.50 -14.91 -11.51
N GLN B 78 3.11 -15.58 -10.55
CA GLN B 78 2.88 -17.00 -10.28
C GLN B 78 1.84 -17.08 -9.16
N ILE B 79 0.66 -17.61 -9.51
CA ILE B 79 -0.48 -17.76 -8.60
C ILE B 79 -1.00 -19.20 -8.60
N GLY B 80 -1.93 -19.50 -7.72
CA GLY B 80 -2.58 -20.80 -7.66
C GLY B 80 -3.83 -20.85 -8.51
N ILE B 81 -4.22 -22.05 -8.95
CA ILE B 81 -5.42 -22.27 -9.77
C ILE B 81 -6.72 -21.72 -9.09
N ALA B 82 -6.78 -21.74 -7.73
CA ALA B 82 -7.91 -21.24 -6.95
C ALA B 82 -7.85 -19.73 -6.70
N ASP B 83 -6.69 -19.09 -6.97
CA ASP B 83 -6.55 -17.62 -6.88
C ASP B 83 -7.08 -16.99 -8.15
N GLU B 84 -6.87 -17.66 -9.31
CA GLU B 84 -7.25 -17.17 -10.64
C GLU B 84 -8.71 -16.65 -10.74
N PRO B 85 -9.80 -17.40 -10.36
CA PRO B 85 -11.14 -16.82 -10.50
C PRO B 85 -11.33 -15.50 -9.74
N GLN B 86 -10.74 -15.39 -8.53
CA GLN B 86 -10.81 -14.20 -7.67
C GLN B 86 -10.08 -13.01 -8.33
N ALA B 87 -8.84 -13.26 -8.78
CA ALA B 87 -7.97 -12.27 -9.42
C ALA B 87 -8.57 -11.77 -10.75
N LYS B 88 -9.16 -12.67 -11.55
CA LYS B 88 -9.83 -12.39 -12.82
C LYS B 88 -11.05 -11.50 -12.59
N ALA B 89 -11.86 -11.81 -11.55
CA ALA B 89 -13.08 -11.05 -11.17
C ALA B 89 -12.74 -9.65 -10.67
N ALA B 90 -11.58 -9.50 -9.99
CA ALA B 90 -11.12 -8.23 -9.44
C ALA B 90 -10.41 -7.33 -10.49
N GLY B 91 -10.36 -7.77 -11.75
CA GLY B 91 -9.72 -7.06 -12.86
C GLY B 91 -8.20 -6.97 -12.76
N VAL B 92 -7.58 -7.92 -12.07
CA VAL B 92 -6.13 -7.98 -11.82
C VAL B 92 -5.37 -8.71 -12.93
N LEU B 93 -6.07 -9.55 -13.74
CA LEU B 93 -5.41 -10.33 -14.79
C LEU B 93 -5.74 -9.95 -16.21
N GLU B 94 -4.70 -9.91 -17.08
CA GLU B 94 -4.85 -9.67 -18.52
C GLU B 94 -5.34 -10.97 -19.15
N LYS B 95 -6.15 -10.87 -20.20
CA LYS B 95 -6.58 -12.07 -20.95
C LYS B 95 -5.38 -12.48 -21.81
N LEU B 96 -5.00 -13.74 -21.72
CA LEU B 96 -3.87 -14.26 -22.47
C LEU B 96 -4.24 -14.50 -23.93
N ASP B 97 -3.25 -14.36 -24.83
CA ASP B 97 -3.42 -14.56 -26.26
C ASP B 97 -3.95 -15.97 -26.55
N PRO B 98 -4.79 -16.16 -27.59
CA PRO B 98 -5.26 -17.52 -27.88
C PRO B 98 -4.08 -18.38 -28.38
N ASP B 99 -4.13 -19.67 -28.09
CA ASP B 99 -3.12 -20.67 -28.48
C ASP B 99 -1.72 -20.39 -27.85
N ILE B 100 -1.69 -19.80 -26.63
CA ILE B 100 -0.44 -19.58 -25.87
C ILE B 100 0.21 -20.95 -25.62
N VAL B 101 -0.65 -21.96 -25.39
CA VAL B 101 -0.33 -23.36 -25.21
C VAL B 101 -1.44 -24.17 -25.88
N ASN B 102 -1.15 -25.44 -26.17
CA ASN B 102 -2.14 -26.39 -26.67
C ASN B 102 -2.74 -27.00 -25.39
N LYS B 103 -4.05 -26.76 -25.16
CA LYS B 103 -4.77 -27.24 -23.96
C LYS B 103 -4.71 -28.77 -23.77
N ALA B 104 -4.57 -29.56 -24.86
CA ALA B 104 -4.44 -31.03 -24.81
C ALA B 104 -3.15 -31.51 -24.14
N ASP B 105 -2.11 -30.63 -24.06
CA ASP B 105 -0.81 -30.92 -23.44
C ASP B 105 -0.83 -30.73 -21.91
N PHE B 106 -1.88 -30.10 -21.37
CA PHE B 106 -1.97 -29.82 -19.94
C PHE B 106 -3.17 -30.51 -19.29
N PRO B 107 -3.19 -30.74 -17.95
CA PRO B 107 -4.37 -31.39 -17.33
C PRO B 107 -5.66 -30.57 -17.57
N PRO B 108 -6.87 -31.21 -17.63
CA PRO B 108 -8.10 -30.43 -17.90
C PRO B 108 -8.41 -29.38 -16.83
N GLY B 109 -8.76 -28.17 -17.29
CA GLY B 109 -9.06 -27.04 -16.43
C GLY B 109 -7.86 -26.27 -15.90
N SER B 110 -6.63 -26.78 -16.13
CA SER B 110 -5.38 -26.15 -15.65
C SER B 110 -4.95 -24.94 -16.52
N VAL B 111 -5.60 -24.74 -17.68
CA VAL B 111 -5.31 -23.62 -18.60
C VAL B 111 -6.61 -22.88 -18.84
N THR B 112 -6.66 -21.60 -18.45
CA THR B 112 -7.85 -20.77 -18.64
C THR B 112 -7.46 -19.66 -19.62
N ASP B 113 -8.36 -18.70 -19.85
CA ASP B 113 -8.05 -17.57 -20.74
C ASP B 113 -7.13 -16.56 -20.03
N SER B 114 -6.91 -16.72 -18.71
CA SER B 114 -6.09 -15.80 -17.89
C SER B 114 -4.99 -16.49 -17.07
N PHE B 115 -4.79 -17.80 -17.27
CA PHE B 115 -3.84 -18.60 -16.48
C PHE B 115 -3.32 -19.79 -17.28
N VAL B 116 -2.01 -20.05 -17.15
CA VAL B 116 -1.35 -21.20 -17.76
C VAL B 116 -0.65 -21.95 -16.63
N ALA B 117 -1.04 -23.22 -16.38
CA ALA B 117 -0.40 -24.04 -15.34
C ALA B 117 1.06 -24.31 -15.67
N ASN B 118 1.90 -24.42 -14.63
CA ASN B 118 3.31 -24.80 -14.76
C ASN B 118 3.60 -26.06 -13.93
N SER B 119 2.71 -26.39 -12.98
CA SER B 119 2.95 -27.55 -12.11
C SER B 119 1.78 -27.95 -11.23
N ASN B 120 1.87 -29.17 -10.70
CA ASN B 120 1.01 -29.71 -9.65
C ASN B 120 1.89 -29.90 -8.41
N TYR B 121 1.30 -29.67 -7.23
CA TYR B 121 1.95 -29.79 -5.93
C TYR B 121 0.92 -30.26 -4.89
N SER B 122 1.41 -30.64 -3.71
CA SER B 122 0.55 -31.06 -2.61
C SER B 122 0.70 -30.21 -1.38
N THR B 123 -0.44 -29.91 -0.73
CA THR B 123 -0.52 -29.23 0.57
C THR B 123 -0.74 -30.43 1.49
N LEU B 124 0.30 -30.85 2.20
CA LEU B 124 0.32 -32.11 2.94
C LEU B 124 0.81 -32.03 4.40
N ILE B 125 0.71 -33.16 5.13
CA ILE B 125 1.12 -33.32 6.53
C ILE B 125 2.56 -33.84 6.61
N ALA B 126 3.41 -33.09 7.29
CA ALA B 126 4.78 -33.50 7.60
C ALA B 126 4.90 -33.51 9.12
N TRP B 127 5.70 -34.44 9.66
CA TRP B 127 5.91 -34.50 11.10
C TRP B 127 7.37 -34.72 11.47
N ASN B 128 7.72 -34.26 12.67
CA ASN B 128 9.03 -34.33 13.27
C ASN B 128 9.30 -35.77 13.81
N LYS B 129 10.28 -36.46 13.24
CA LYS B 129 10.63 -37.83 13.66
C LYS B 129 11.30 -37.87 15.03
N LYS B 130 11.93 -36.76 15.47
CA LYS B 130 12.48 -36.72 16.82
C LYS B 130 11.31 -36.78 17.85
N THR B 131 10.19 -36.10 17.53
CA THR B 131 9.02 -36.07 18.41
C THR B 131 8.22 -37.41 18.44
N TYR B 132 7.85 -37.93 17.25
CA TYR B 132 6.95 -39.05 17.08
C TYR B 132 7.56 -40.31 16.51
N GLY B 133 8.79 -40.21 15.99
CA GLY B 133 9.44 -41.34 15.31
C GLY B 133 8.64 -41.68 14.06
N ASP B 134 8.45 -42.98 13.79
CA ASP B 134 7.65 -43.42 12.63
C ASP B 134 6.14 -43.30 12.91
N ASN B 135 5.76 -43.20 14.20
CA ASN B 135 4.36 -43.12 14.63
C ASN B 135 3.81 -41.69 14.68
N GLY B 136 3.95 -41.00 13.55
CA GLY B 136 3.47 -39.63 13.41
C GLY B 136 2.06 -39.56 12.87
N PRO B 137 1.46 -38.34 12.82
CA PRO B 137 0.10 -38.20 12.25
C PRO B 137 0.06 -38.62 10.78
N LYS B 138 -0.88 -39.50 10.40
CA LYS B 138 -0.98 -39.98 9.02
C LYS B 138 -2.29 -39.59 8.33
N SER B 139 -3.06 -38.66 8.95
CA SER B 139 -4.34 -38.16 8.46
C SER B 139 -4.65 -36.80 9.11
N MET B 140 -5.67 -36.08 8.60
CA MET B 140 -6.08 -34.80 9.18
C MET B 140 -6.70 -35.00 10.56
N ALA B 141 -7.42 -36.13 10.79
CA ALA B 141 -7.98 -36.46 12.10
C ALA B 141 -6.82 -36.57 13.11
N ASP B 142 -5.72 -37.26 12.72
CA ASP B 142 -4.48 -37.40 13.48
C ASP B 142 -3.80 -36.03 13.74
N PHE B 143 -3.70 -35.13 12.72
CA PHE B 143 -3.10 -33.80 12.83
C PHE B 143 -3.86 -32.93 13.86
N PHE B 144 -5.18 -33.04 13.87
CA PHE B 144 -6.05 -32.30 14.78
C PHE B 144 -6.19 -32.99 16.15
N ASP B 145 -5.59 -34.21 16.31
CA ASP B 145 -5.67 -34.97 17.56
C ASP B 145 -4.51 -34.66 18.52
N VAL B 146 -4.75 -33.67 19.40
CA VAL B 146 -3.80 -33.16 20.40
C VAL B 146 -3.64 -34.13 21.58
N LYS B 147 -4.63 -34.98 21.80
CA LYS B 147 -4.57 -35.99 22.87
C LYS B 147 -3.65 -37.14 22.44
N LYS B 148 -3.84 -37.67 21.21
CA LYS B 148 -3.05 -38.79 20.71
C LYS B 148 -1.66 -38.33 20.28
N PHE B 149 -1.57 -37.12 19.72
CA PHE B 149 -0.31 -36.54 19.26
C PHE B 149 -0.08 -35.16 19.88
N PRO B 150 0.39 -35.09 21.16
CA PRO B 150 0.67 -33.78 21.76
C PRO B 150 1.81 -33.10 21.04
N GLY B 151 1.73 -31.79 20.87
CA GLY B 151 2.80 -31.04 20.23
C GLY B 151 2.42 -29.78 19.49
N LYS B 152 3.44 -29.06 19.05
CA LYS B 152 3.35 -27.81 18.31
C LYS B 152 3.00 -28.03 16.84
N ARG B 153 1.88 -27.43 16.41
CA ARG B 153 1.44 -27.46 15.01
C ARG B 153 1.86 -26.16 14.32
N ALA B 154 1.98 -26.20 12.98
CA ALA B 154 2.23 -25.04 12.14
C ALA B 154 1.27 -25.14 10.94
N LEU B 155 0.53 -24.05 10.71
CA LEU B 155 -0.42 -23.95 9.59
C LEU B 155 -0.12 -22.68 8.79
N TRP B 156 -0.55 -22.63 7.53
CA TRP B 156 -0.36 -21.44 6.67
C TRP B 156 -1.17 -20.27 7.25
N ASN B 157 -0.72 -19.03 7.04
CA ASN B 157 -1.48 -17.86 7.46
C ASN B 157 -2.52 -17.45 6.39
N GLN B 158 -2.68 -18.25 5.32
CA GLN B 158 -3.67 -18.05 4.27
C GLN B 158 -4.60 -19.28 4.29
N PRO B 159 -5.91 -19.14 3.98
CA PRO B 159 -6.83 -20.27 4.18
C PRO B 159 -6.89 -21.41 3.17
N ILE B 160 -6.40 -21.24 1.91
CA ILE B 160 -6.53 -22.35 0.93
C ILE B 160 -5.72 -23.59 1.38
N GLY B 161 -6.47 -24.68 1.60
CA GLY B 161 -5.96 -25.96 2.07
C GLY B 161 -6.15 -26.14 3.56
N MET B 162 -6.29 -25.02 4.30
CA MET B 162 -6.46 -24.98 5.76
C MET B 162 -7.90 -25.23 6.21
N ILE B 163 -8.88 -24.61 5.51
CA ILE B 163 -10.32 -24.79 5.78
C ILE B 163 -10.70 -26.26 5.48
N GLU B 164 -10.25 -26.76 4.32
CA GLU B 164 -10.48 -28.12 3.86
C GLU B 164 -9.87 -29.14 4.81
N ALA B 165 -8.67 -28.83 5.38
CA ALA B 165 -7.98 -29.71 6.36
C ALA B 165 -8.86 -29.95 7.60
N ALA B 166 -9.54 -28.89 8.09
CA ALA B 166 -10.44 -28.96 9.23
C ALA B 166 -11.67 -29.79 8.89
N ALA B 167 -12.21 -29.64 7.64
CA ALA B 167 -13.38 -30.43 7.18
C ALA B 167 -13.02 -31.92 7.15
N LEU B 168 -11.79 -32.25 6.67
CA LEU B 168 -11.28 -33.62 6.61
C LEU B 168 -11.12 -34.19 8.04
N ALA B 169 -10.58 -33.37 8.95
CA ALA B 169 -10.39 -33.71 10.37
C ALA B 169 -11.73 -34.06 11.06
N LEU B 170 -12.85 -33.44 10.61
CA LEU B 170 -14.20 -33.67 11.11
C LEU B 170 -14.80 -35.01 10.60
N GLY B 171 -14.04 -35.73 9.77
CA GLY B 171 -14.44 -37.01 9.22
C GLY B 171 -15.09 -36.97 7.86
N THR B 172 -15.08 -35.80 7.19
CA THR B 172 -15.66 -35.66 5.85
C THR B 172 -14.84 -36.52 4.87
N PRO B 173 -15.47 -37.41 4.07
CA PRO B 173 -14.68 -38.17 3.07
C PRO B 173 -14.03 -37.19 2.08
N ARG B 174 -12.81 -37.51 1.60
CA ARG B 174 -12.04 -36.67 0.66
C ARG B 174 -12.84 -36.23 -0.55
N ASP B 175 -13.71 -37.12 -1.08
CA ASP B 175 -14.53 -36.81 -2.26
C ASP B 175 -15.74 -35.92 -1.94
N LYS B 176 -15.99 -35.62 -0.64
CA LYS B 176 -17.13 -34.79 -0.22
C LYS B 176 -16.72 -33.46 0.46
N VAL B 177 -15.41 -33.13 0.47
CA VAL B 177 -14.85 -31.93 1.11
C VAL B 177 -15.67 -30.67 0.81
N TYR B 178 -15.84 -30.36 -0.47
CA TYR B 178 -16.52 -29.15 -0.91
C TYR B 178 -18.03 -29.23 -0.82
N GLU B 179 -18.61 -30.44 -0.78
CA GLU B 179 -20.05 -30.62 -0.58
C GLU B 179 -20.35 -30.22 0.87
N PHE B 180 -19.47 -30.62 1.81
CA PHE B 180 -19.58 -30.29 3.23
C PHE B 180 -19.41 -28.78 3.41
N LEU B 181 -18.41 -28.17 2.74
CA LEU B 181 -18.15 -26.74 2.83
C LEU B 181 -19.13 -25.90 1.98
N SER B 182 -20.08 -26.53 1.23
CA SER B 182 -21.07 -25.82 0.41
C SER B 182 -22.18 -25.15 1.27
N THR B 183 -22.35 -25.61 2.53
CA THR B 183 -23.34 -25.06 3.46
C THR B 183 -22.67 -24.10 4.45
N GLU B 184 -23.46 -23.14 5.02
CA GLU B 184 -22.98 -22.20 6.05
C GLU B 184 -22.58 -23.02 7.29
N GLU B 185 -23.40 -24.04 7.63
CA GLU B 185 -23.25 -24.98 8.76
C GLU B 185 -21.90 -25.73 8.69
N GLY B 186 -21.57 -26.23 7.51
CA GLY B 186 -20.31 -26.94 7.25
C GLY B 186 -19.13 -26.01 7.39
N ARG B 187 -19.23 -24.79 6.83
CA ARG B 187 -18.16 -23.77 6.89
C ARG B 187 -17.92 -23.30 8.33
N LYS B 188 -19.01 -23.10 9.11
CA LYS B 188 -18.91 -22.70 10.52
C LYS B 188 -18.25 -23.79 11.37
N ALA B 189 -18.56 -25.08 11.08
CA ALA B 189 -17.99 -26.24 11.77
C ALA B 189 -16.49 -26.38 11.48
N ALA B 190 -16.05 -26.07 10.25
CA ALA B 190 -14.64 -26.13 9.85
C ALA B 190 -13.84 -25.05 10.61
N ILE B 191 -14.40 -23.83 10.76
CA ILE B 191 -13.79 -22.71 11.49
C ILE B 191 -13.70 -23.04 12.98
N ALA B 192 -14.75 -23.65 13.55
CA ALA B 192 -14.82 -24.07 14.96
C ALA B 192 -13.73 -25.13 15.25
N LYS B 193 -13.49 -26.06 14.29
CA LYS B 193 -12.46 -27.11 14.38
C LYS B 193 -11.08 -26.45 14.41
N LEU B 194 -10.86 -25.43 13.55
CA LEU B 194 -9.61 -24.69 13.48
C LEU B 194 -9.37 -23.90 14.76
N THR B 195 -10.46 -23.34 15.36
CA THR B 195 -10.41 -22.59 16.62
C THR B 195 -10.00 -23.51 17.77
N GLU B 196 -10.56 -24.74 17.81
CA GLU B 196 -10.22 -25.76 18.80
C GLU B 196 -8.74 -26.17 18.69
N LEU B 197 -8.18 -26.19 17.46
CA LEU B 197 -6.77 -26.53 17.26
C LEU B 197 -5.83 -25.35 17.56
N ALA B 198 -6.27 -24.11 17.27
CA ALA B 198 -5.50 -22.86 17.40
C ALA B 198 -4.58 -22.75 18.64
N PRO B 199 -4.95 -23.13 19.91
CA PRO B 199 -3.98 -23.03 21.02
C PRO B 199 -2.74 -23.91 20.90
N SER B 200 -2.79 -24.96 20.05
CA SER B 200 -1.65 -25.86 19.80
C SER B 200 -0.84 -25.44 18.54
N VAL B 201 -1.27 -24.36 17.87
CA VAL B 201 -0.57 -23.86 16.67
C VAL B 201 0.49 -22.87 17.14
N SER B 202 1.77 -23.28 17.15
CA SER B 202 2.85 -22.41 17.63
C SER B 202 3.24 -21.33 16.62
N VAL B 203 3.06 -21.61 15.32
CA VAL B 203 3.42 -20.63 14.27
C VAL B 203 2.46 -20.76 13.07
N TRP B 204 2.02 -19.61 12.55
CA TRP B 204 1.22 -19.48 11.33
C TRP B 204 2.24 -19.06 10.25
N TRP B 205 2.84 -20.04 9.58
CA TRP B 205 3.92 -19.78 8.60
C TRP B 205 3.43 -18.94 7.42
N GLU B 206 4.30 -18.05 6.93
CA GLU B 206 3.94 -17.06 5.92
C GLU B 206 4.48 -17.28 4.52
N SER B 207 5.54 -18.09 4.41
CA SER B 207 6.21 -18.40 3.16
C SER B 207 6.73 -19.83 3.20
N GLY B 208 6.89 -20.44 2.02
CA GLY B 208 7.42 -21.78 1.86
C GLY B 208 8.80 -21.93 2.47
N ALA B 209 9.68 -20.89 2.31
CA ALA B 209 11.02 -20.93 2.87
C ALA B 209 11.02 -20.89 4.39
N GLN B 210 10.07 -20.14 4.99
CA GLN B 210 9.92 -20.12 6.42
C GLN B 210 9.45 -21.49 6.93
N ALA B 211 8.51 -22.13 6.23
CA ALA B 211 8.01 -23.47 6.59
C ALA B 211 9.18 -24.47 6.56
N ALA B 212 10.03 -24.39 5.50
CA ALA B 212 11.19 -25.27 5.32
C ALA B 212 12.20 -25.04 6.48
N GLN B 213 12.39 -23.76 6.88
CA GLN B 213 13.29 -23.43 8.00
C GLN B 213 12.79 -24.03 9.34
N LEU B 214 11.49 -23.91 9.62
CA LEU B 214 10.85 -24.51 10.81
C LEU B 214 11.13 -26.03 10.87
N ILE B 215 11.00 -26.71 9.71
CA ILE B 215 11.26 -28.16 9.56
C ILE B 215 12.76 -28.44 9.80
N LYS B 216 13.67 -27.69 9.13
CA LYS B 216 15.12 -27.88 9.32
C LYS B 216 15.55 -27.67 10.77
N ASP B 217 14.98 -26.68 11.46
CA ASP B 217 15.35 -26.45 12.86
C ASP B 217 14.64 -27.32 13.88
N GLY B 218 13.66 -28.13 13.44
CA GLY B 218 12.84 -28.96 14.32
C GLY B 218 12.03 -28.12 15.31
N GLU B 219 11.66 -26.88 14.92
CA GLU B 219 10.94 -25.92 15.75
C GLU B 219 9.44 -26.22 15.92
N VAL B 220 8.91 -27.11 15.07
CA VAL B 220 7.52 -27.57 15.10
C VAL B 220 7.53 -29.08 15.21
N ASP B 221 6.42 -29.66 15.67
CA ASP B 221 6.26 -31.11 15.79
C ASP B 221 5.55 -31.66 14.58
N MET B 222 4.68 -30.86 13.99
CA MET B 222 3.96 -31.23 12.76
C MET B 222 3.55 -29.97 12.01
N ILE B 223 3.39 -30.09 10.70
CA ILE B 223 3.08 -28.94 9.86
C ILE B 223 2.28 -29.34 8.63
N ILE B 224 1.41 -28.45 8.20
CA ILE B 224 0.74 -28.58 6.92
C ILE B 224 1.41 -27.52 6.02
N THR B 225 2.12 -27.99 5.00
CA THR B 225 2.81 -27.12 4.04
C THR B 225 2.97 -27.86 2.69
N TRP B 226 3.64 -27.24 1.73
CA TRP B 226 3.86 -27.75 0.38
C TRP B 226 4.98 -28.79 0.33
N GLY B 227 4.69 -29.90 -0.36
CA GLY B 227 5.56 -31.07 -0.50
C GLY B 227 6.98 -30.79 -0.92
N GLY B 228 7.15 -29.87 -1.88
CA GLY B 228 8.49 -29.49 -2.36
C GLY B 228 9.34 -28.83 -1.29
N ARG B 229 8.71 -27.98 -0.48
CA ARG B 229 9.36 -27.30 0.63
C ARG B 229 9.79 -28.34 1.69
N VAL B 230 8.90 -29.32 1.98
CA VAL B 230 9.15 -30.40 2.95
C VAL B 230 10.32 -31.26 2.45
N GLN B 231 10.22 -31.76 1.22
CA GLN B 231 11.28 -32.61 0.67
C GLN B 231 12.65 -31.89 0.62
N GLY B 232 12.65 -30.60 0.32
CA GLY B 232 13.85 -29.78 0.28
C GLY B 232 14.49 -29.67 1.65
N ALA B 233 13.66 -29.52 2.71
CA ALA B 233 14.17 -29.47 4.08
C ALA B 233 14.77 -30.81 4.49
N ILE B 234 14.09 -31.92 4.15
CA ILE B 234 14.56 -33.30 4.41
C ILE B 234 15.89 -33.53 3.67
N ASN B 235 15.98 -33.11 2.37
CA ASN B 235 17.25 -33.23 1.61
C ASN B 235 18.38 -32.43 2.31
N ASP B 236 18.03 -31.35 3.04
CA ASP B 236 18.99 -30.52 3.77
C ASP B 236 19.34 -31.08 5.16
N GLY B 237 18.83 -32.27 5.47
CA GLY B 237 19.10 -32.95 6.73
C GLY B 237 17.99 -32.96 7.76
N ALA B 238 16.81 -32.33 7.50
CA ALA B 238 15.69 -32.34 8.48
C ALA B 238 15.18 -33.76 8.78
N ASN B 239 15.04 -34.07 10.07
CA ASN B 239 14.58 -35.36 10.58
C ASN B 239 13.05 -35.40 10.63
N PHE B 240 12.45 -35.21 9.44
CA PHE B 240 11.01 -35.19 9.26
C PHE B 240 10.59 -36.25 8.27
N ALA B 241 9.32 -36.66 8.36
CA ALA B 241 8.70 -37.57 7.43
C ALA B 241 7.39 -36.92 6.99
N TYR B 242 6.77 -37.44 5.91
CA TYR B 242 5.52 -36.89 5.43
C TYR B 242 4.73 -37.95 4.70
N THR B 243 3.46 -37.63 4.43
CA THR B 243 2.51 -38.49 3.74
C THR B 243 1.66 -37.66 2.76
N PHE B 244 1.18 -38.32 1.68
CA PHE B 244 0.25 -37.71 0.73
C PHE B 244 -1.20 -37.94 1.20
N ASN B 245 -1.42 -38.76 2.28
CA ASN B 245 -2.77 -39.03 2.79
C ASN B 245 -3.43 -37.74 3.28
N ASP B 246 -4.66 -37.47 2.82
CA ASP B 246 -5.46 -36.24 3.10
C ASP B 246 -4.86 -34.96 2.53
N ALA B 247 -3.87 -35.09 1.63
CA ALA B 247 -3.26 -33.90 1.06
C ALA B 247 -4.15 -33.28 -0.04
N GLN B 248 -4.02 -31.98 -0.24
CA GLN B 248 -4.72 -31.25 -1.30
C GLN B 248 -3.83 -31.21 -2.53
N LEU B 249 -4.36 -31.65 -3.68
CA LEU B 249 -3.66 -31.61 -4.94
C LEU B 249 -3.94 -30.23 -5.56
N GLY B 250 -2.91 -29.40 -5.58
CA GLY B 250 -2.96 -28.05 -6.11
C GLY B 250 -2.33 -27.90 -7.47
N THR B 251 -2.62 -26.78 -8.13
CA THR B 251 -2.09 -26.43 -9.44
C THR B 251 -1.53 -25.02 -9.38
N ASP B 252 -0.26 -24.88 -9.74
CA ASP B 252 0.39 -23.59 -9.80
C ASP B 252 0.50 -23.18 -11.26
N GLY B 253 0.48 -21.88 -11.50
CA GLY B 253 0.58 -21.38 -12.85
C GLY B 253 0.92 -19.91 -12.95
N TYR B 254 0.90 -19.40 -14.19
CA TYR B 254 1.24 -18.02 -14.46
C TYR B 254 0.07 -17.25 -15.02
N ALA B 255 0.03 -15.96 -14.68
CA ALA B 255 -0.94 -14.99 -15.17
C ALA B 255 -0.17 -13.68 -15.44
N ILE B 256 -0.73 -12.83 -16.30
CA ILE B 256 -0.11 -11.53 -16.62
C ILE B 256 -0.96 -10.45 -15.94
N VAL B 257 -0.32 -9.56 -15.18
CA VAL B 257 -0.98 -8.48 -14.44
C VAL B 257 -1.65 -7.47 -15.40
N LYS B 258 -2.93 -7.10 -15.13
CA LYS B 258 -3.66 -6.10 -15.93
C LYS B 258 -2.88 -4.76 -15.89
N GLY B 259 -2.50 -4.29 -17.07
CA GLY B 259 -1.72 -3.08 -17.24
C GLY B 259 -0.23 -3.31 -17.14
N ALA B 260 0.23 -4.60 -17.29
CA ALA B 260 1.65 -4.98 -17.26
C ALA B 260 2.45 -4.07 -18.21
N PRO B 261 3.54 -3.41 -17.74
CA PRO B 261 4.29 -2.48 -18.62
C PRO B 261 4.95 -3.14 -19.83
N HIS B 262 5.24 -4.45 -19.73
CA HIS B 262 5.87 -5.19 -20.83
C HIS B 262 4.99 -6.38 -21.24
N ARG B 263 3.66 -6.13 -21.37
CA ARG B 263 2.61 -7.09 -21.71
C ARG B 263 2.94 -8.01 -22.88
N ASP B 264 3.27 -7.43 -24.05
CA ASP B 264 3.61 -8.15 -25.28
C ASP B 264 4.82 -9.09 -25.08
N ALA B 265 5.91 -8.57 -24.51
CA ALA B 265 7.14 -9.32 -24.22
C ALA B 265 6.88 -10.43 -23.19
N ALA B 266 6.04 -10.15 -22.16
CA ALA B 266 5.64 -11.10 -21.11
C ALA B 266 4.88 -12.28 -21.74
N MET B 267 3.96 -12.00 -22.69
CA MET B 267 3.16 -13.01 -23.41
C MET B 267 4.08 -14.00 -24.16
N ARG B 268 5.11 -13.47 -24.88
CA ARG B 268 6.10 -14.27 -25.61
C ARG B 268 6.93 -15.13 -24.65
N PHE B 269 7.33 -14.56 -23.49
CA PHE B 269 8.14 -15.20 -22.46
C PHE B 269 7.37 -16.36 -21.82
N LEU B 270 6.08 -16.11 -21.50
CA LEU B 270 5.20 -17.12 -20.92
C LEU B 270 4.95 -18.25 -21.91
N LYS B 271 4.80 -17.93 -23.22
CA LYS B 271 4.58 -18.96 -24.26
C LYS B 271 5.80 -19.88 -24.31
N GLU B 272 7.02 -19.29 -24.35
CA GLU B 272 8.27 -20.05 -24.41
C GLU B 272 8.50 -20.93 -23.17
N MET B 273 8.39 -20.36 -21.96
CA MET B 273 8.65 -21.10 -20.71
C MET B 273 7.65 -22.24 -20.40
N SER B 274 6.50 -22.26 -21.07
CA SER B 274 5.45 -23.30 -20.93
C SER B 274 5.77 -24.55 -21.75
N LYS B 275 6.77 -24.47 -22.65
CA LYS B 275 7.18 -25.57 -23.53
C LYS B 275 7.76 -26.75 -22.76
N ALA B 276 7.49 -27.97 -23.26
CA ALA B 276 7.94 -29.25 -22.72
C ALA B 276 9.46 -29.30 -22.49
N GLU B 277 10.27 -28.70 -23.40
CA GLU B 277 11.74 -28.67 -23.34
C GLU B 277 12.29 -28.00 -22.06
N TYR B 278 11.51 -27.08 -21.45
CA TYR B 278 11.88 -26.38 -20.20
C TYR B 278 11.20 -27.07 -19.03
N GLN B 279 9.89 -27.41 -19.18
CA GLN B 279 9.08 -28.10 -18.17
C GLN B 279 9.73 -29.38 -17.67
N LYS B 280 10.40 -30.14 -18.57
CA LYS B 280 11.08 -31.40 -18.24
C LYS B 280 12.11 -31.27 -17.10
N ASP B 281 12.78 -30.09 -17.00
CA ASP B 281 13.84 -29.77 -16.02
C ASP B 281 13.32 -29.24 -14.69
N LEU B 282 12.04 -28.85 -14.62
CA LEU B 282 11.43 -28.30 -13.41
C LEU B 282 11.65 -29.16 -12.14
N PRO B 283 11.52 -30.51 -12.16
CA PRO B 283 11.77 -31.27 -10.91
C PRO B 283 13.19 -31.82 -10.74
N ASN B 284 14.19 -31.28 -11.45
CA ASN B 284 15.59 -31.78 -11.39
C ASN B 284 16.14 -31.89 -9.97
N SER B 285 15.87 -30.88 -9.13
CA SER B 285 16.26 -30.91 -7.72
C SER B 285 15.04 -30.68 -6.80
N PHE B 286 14.11 -29.77 -7.20
CA PHE B 286 12.93 -29.45 -6.41
C PHE B 286 11.80 -30.46 -6.68
N ALA B 287 11.18 -30.97 -5.61
CA ALA B 287 10.10 -31.96 -5.72
C ALA B 287 8.78 -31.30 -6.10
N THR B 288 8.56 -31.20 -7.42
CA THR B 288 7.34 -30.68 -8.02
C THR B 288 6.94 -31.59 -9.19
N ALA B 289 5.74 -31.40 -9.73
CA ALA B 289 5.28 -32.20 -10.86
C ALA B 289 5.02 -31.29 -12.04
N PRO B 290 5.73 -31.43 -13.18
CA PRO B 290 5.44 -30.56 -14.35
C PRO B 290 3.99 -30.68 -14.84
N ALA B 291 3.39 -29.57 -15.31
CA ALA B 291 2.01 -29.57 -15.83
C ALA B 291 1.92 -29.93 -17.32
N ASN B 292 2.99 -29.64 -18.10
CA ASN B 292 3.01 -30.00 -19.52
C ASN B 292 3.30 -31.50 -19.63
N MET B 293 2.30 -32.27 -20.06
CA MET B 293 2.33 -33.73 -20.18
C MET B 293 3.42 -34.25 -21.13
N LYS B 294 3.83 -33.41 -22.11
CA LYS B 294 4.91 -33.75 -23.06
C LYS B 294 6.30 -33.79 -22.37
N ALA B 295 6.42 -33.16 -21.18
CA ALA B 295 7.67 -33.14 -20.42
C ALA B 295 8.08 -34.53 -19.89
N TYR B 296 7.08 -35.36 -19.54
CA TYR B 296 7.27 -36.70 -18.99
C TYR B 296 7.95 -37.63 -19.98
N ASP B 297 7.56 -37.53 -21.28
CA ASP B 297 8.14 -38.31 -22.39
C ASP B 297 9.58 -37.89 -22.64
N LEU B 298 9.82 -36.57 -22.60
CA LEU B 298 11.12 -35.92 -22.83
C LEU B 298 12.16 -36.26 -21.76
N ALA B 299 11.75 -36.25 -20.49
CA ALA B 299 12.64 -36.47 -19.35
C ALA B 299 12.83 -37.94 -18.94
N LYS B 300 11.74 -38.75 -19.01
CA LYS B 300 11.68 -40.16 -18.60
C LYS B 300 12.13 -40.32 -17.13
N TYR B 301 11.31 -39.80 -16.21
CA TYR B 301 11.57 -39.82 -14.76
C TYR B 301 11.65 -41.23 -14.18
N THR B 302 12.62 -41.43 -13.25
CA THR B 302 12.82 -42.71 -12.55
C THR B 302 11.63 -42.98 -11.60
N PRO B 303 11.24 -44.25 -11.34
CA PRO B 303 10.14 -44.52 -10.39
C PRO B 303 10.25 -43.76 -9.07
N GLU B 304 11.47 -43.67 -8.46
CA GLU B 304 11.66 -42.94 -7.19
C GLU B 304 11.36 -41.44 -7.32
N LYS B 305 11.70 -40.83 -8.48
CA LYS B 305 11.39 -39.44 -8.80
C LYS B 305 9.87 -39.27 -8.92
N MET B 306 9.20 -40.21 -9.61
CA MET B 306 7.75 -40.21 -9.82
C MET B 306 6.96 -40.24 -8.51
N ALA B 307 7.40 -41.10 -7.55
CA ALA B 307 6.82 -41.30 -6.23
C ALA B 307 6.72 -40.04 -5.39
N THR B 308 7.61 -39.07 -5.62
CA THR B 308 7.62 -37.79 -4.88
C THR B 308 6.67 -36.80 -5.52
N MET B 309 6.16 -37.09 -6.74
CA MET B 309 5.25 -36.18 -7.46
C MET B 309 3.81 -36.23 -6.98
N ALA B 310 3.26 -35.05 -6.73
CA ALA B 310 1.88 -34.84 -6.30
C ALA B 310 0.87 -35.49 -7.25
N SER B 311 1.18 -35.46 -8.57
CA SER B 311 0.30 -35.97 -9.62
C SER B 311 0.51 -37.47 -9.95
N ALA B 312 1.44 -38.18 -9.28
CA ALA B 312 1.64 -39.61 -9.51
C ALA B 312 0.34 -40.36 -9.12
N PRO B 313 -0.14 -41.33 -9.95
CA PRO B 313 -1.41 -42.03 -9.63
C PRO B 313 -1.57 -42.52 -8.19
N GLU B 314 -0.54 -43.18 -7.63
CA GLU B 314 -0.59 -43.69 -6.24
C GLU B 314 -0.81 -42.57 -5.21
N ASN B 315 -0.22 -41.40 -5.46
CA ASN B 315 -0.35 -40.21 -4.60
C ASN B 315 -1.70 -39.54 -4.76
N VAL B 316 -2.18 -39.38 -6.01
CA VAL B 316 -3.48 -38.80 -6.34
C VAL B 316 -4.61 -39.59 -5.67
N ALA B 317 -4.49 -40.93 -5.63
CA ALA B 317 -5.48 -41.82 -5.03
C ALA B 317 -5.83 -41.50 -3.56
N VAL B 318 -4.89 -40.91 -2.79
CA VAL B 318 -5.14 -40.58 -1.37
C VAL B 318 -5.31 -39.05 -1.12
N GLN B 319 -5.46 -38.29 -2.21
CA GLN B 319 -5.63 -36.83 -2.19
C GLN B 319 -7.02 -36.41 -2.70
N TYR B 320 -7.29 -35.10 -2.66
CA TYR B 320 -8.50 -34.49 -3.22
C TYR B 320 -7.97 -33.23 -3.93
N SER B 321 -8.57 -32.86 -5.05
CA SER B 321 -8.12 -31.68 -5.79
C SER B 321 -8.74 -30.41 -5.23
N VAL B 322 -7.97 -29.29 -5.20
CA VAL B 322 -8.50 -27.99 -4.78
C VAL B 322 -9.68 -27.62 -5.73
N ASP B 323 -10.71 -26.96 -5.20
CA ASP B 323 -11.86 -26.58 -6.05
C ASP B 323 -11.89 -25.06 -6.22
N PRO B 324 -11.47 -24.56 -7.41
CA PRO B 324 -11.51 -23.10 -7.66
C PRO B 324 -12.91 -22.49 -7.58
N ASN B 325 -13.97 -23.28 -7.92
CA ASN B 325 -15.36 -22.82 -7.85
C ASN B 325 -15.76 -22.46 -6.41
N PHE B 326 -15.26 -23.20 -5.41
CA PHE B 326 -15.56 -22.91 -4.00
C PHE B 326 -14.93 -21.57 -3.60
N TRP B 327 -13.61 -21.42 -3.91
CA TRP B 327 -12.85 -20.22 -3.57
C TRP B 327 -13.31 -18.97 -4.32
N ALA B 328 -13.82 -19.14 -5.56
CA ALA B 328 -14.39 -18.03 -6.34
C ALA B 328 -15.61 -17.43 -5.63
N LYS B 329 -16.28 -18.21 -4.77
CA LYS B 329 -17.48 -17.79 -4.06
C LYS B 329 -17.23 -17.38 -2.59
N HIS B 330 -16.41 -18.13 -1.81
CA HIS B 330 -16.28 -17.89 -0.37
C HIS B 330 -14.90 -17.44 0.15
N ALA B 331 -14.02 -16.93 -0.72
CA ALA B 331 -12.70 -16.54 -0.24
C ALA B 331 -12.70 -15.33 0.69
N LYS B 332 -13.57 -14.33 0.45
CA LYS B 332 -13.68 -13.14 1.30
C LYS B 332 -14.05 -13.58 2.73
N TRP B 333 -15.07 -14.45 2.84
CA TRP B 333 -15.51 -15.00 4.13
C TRP B 333 -14.39 -15.81 4.79
N ALA B 334 -13.73 -16.71 4.02
CA ALA B 334 -12.66 -17.57 4.54
C ALA B 334 -11.49 -16.75 5.09
N SER B 335 -11.06 -15.71 4.35
CA SER B 335 -9.97 -14.83 4.76
C SER B 335 -10.26 -14.15 6.11
N GLU B 336 -11.46 -13.55 6.27
CA GLU B 336 -11.87 -12.89 7.51
C GLU B 336 -12.08 -13.90 8.64
N ALA B 337 -12.75 -15.04 8.35
CA ALA B 337 -13.00 -16.08 9.34
C ALA B 337 -11.68 -16.71 9.84
N TYR B 338 -10.75 -17.00 8.92
CA TYR B 338 -9.44 -17.57 9.24
C TYR B 338 -8.51 -16.56 9.94
N ASP B 339 -8.56 -15.26 9.55
CA ASP B 339 -7.80 -14.18 10.19
C ASP B 339 -8.10 -14.13 11.70
N ASN B 340 -9.39 -14.30 12.08
CA ASN B 340 -9.80 -14.27 13.49
C ASN B 340 -9.34 -15.48 14.30
N VAL B 341 -9.26 -16.67 13.65
CA VAL B 341 -8.80 -17.93 14.23
C VAL B 341 -7.32 -17.78 14.68
N ARG B 342 -6.47 -17.17 13.83
CA ARG B 342 -5.04 -16.97 14.07
C ARG B 342 -4.77 -15.84 15.07
N LEU B 343 -5.74 -14.92 15.24
CA LEU B 343 -5.62 -13.75 16.11
C LEU B 343 -5.31 -14.11 17.57
N SER B 344 -4.02 -13.92 17.95
CA SER B 344 -3.38 -14.13 19.28
C SER B 344 -1.87 -14.00 19.14
#